data_8HPK
#
_entry.id   8HPK
#
_cell.length_a   114.950
_cell.length_b   233.190
_cell.length_c   50.770
_cell.angle_alpha   90.000
_cell.angle_beta   90.000
_cell.angle_gamma   90.000
#
_symmetry.space_group_name_H-M   'P 21 21 2'
#
loop_
_entity.id
_entity.type
_entity.pdbx_description
1 polymer 'Oxalate:formate antiporter'
2 polymer 'Fab fragment Heavy chein'
3 polymer 'Fab fragment Light chain'
4 non-polymer 'OXALATE ION'
#
loop_
_entity_poly.entity_id
_entity_poly.type
_entity_poly.pdbx_seq_one_letter_code
_entity_poly.pdbx_strand_id
1 'polypeptide(L)'
;MNNPQTGQSTGLLGNRWFYLVLAVLLMCMISGVQYSWTLYANPVKDNLGVSLAAVQTAFTLSQVIQAGSQPGGGYFVDKF
GPRIPLMFGGAMVLAGWTFMGMVDSVPALYALYTLAGAGVGIVYGIAMNTANRWFPDKRGLASGFTAAGYGLGVLPFLPL
ISSVLKVEGVGAAFMYTGLIMGILIILIAFVIRFPGQQGAKKQIVVTDKDFNSGEMLRTPQFWVLWTAFFSVNFGGLLLV
ANSVPYGRSLGLAAGVLTIGVSIQNLFNGGCRPFWGFVSDKIGRYKTMSVVFGINAVVLALFPTIAALGDVAFIAMLAIA
FFTWGGSYALFPSTNSDIFGTAYSARNYGFFWAAKATASIFGGGLGAAIATNFGWNTAFLITAITSFIAFALATFVIPRM
GRPVKKMVKLSPEEKAVHHHHHHHHHH
;
A
2 'polypeptide(L)'
;EVQLQQSGPELVKPGASVKISCKASVNSFTGYFVNWVKQSHGKSLEWIGRVHPYNGNTFYNQKFKGRVTLTVDRSSTTAH
MELLSLTSEDSAVYYCGRRDDYDTMDYWGQGTSVTVSSAKTTPPSVYPLAPGCGDTTGSSVTLGCLVKGYFPESVTVTWN
SGSLSSSVHTFPALLQSGLYTMSSSVTVPSSTWPSQTVTCSVAHPASSTTVDKKLEPSGP
;
H
3 'polypeptide(L)'
;DIVMTQSPAIMSASLGERVTMTCTASSSVTSSYLHWYQQRPGSSPKLWIYSTSNLASGVPGRFSGRGSGTSYSLTISSME
AEDAATYYCHQYHRSPPTFGGGTKLEIKRADAAPTVSIFPPSSEQLTSGGASVVCFLNNFYPKDINVKWKIDGSERQNGV
LNSWTDQDSKDSTYSMSSTLTLTKDEYERHNSYTCEATHKTSTSPIVKSFNRNEC
;
L
#
loop_
_chem_comp.id
_chem_comp.type
_chem_comp.name
_chem_comp.formula
OXL non-polymer 'OXALATE ION' 'C2 O4 -2'
#
# COMPACT_ATOMS: atom_id res chain seq x y z
N GLY A 11 26.41 -50.17 19.56
CA GLY A 11 26.00 -49.17 20.53
C GLY A 11 25.06 -48.12 19.97
N LEU A 12 24.91 -47.01 20.69
CA LEU A 12 24.04 -45.93 20.21
C LEU A 12 24.66 -45.21 19.01
N LEU A 13 25.94 -44.88 19.10
CA LEU A 13 26.61 -44.16 18.03
C LEU A 13 26.78 -45.00 16.76
N GLY A 14 26.53 -46.30 16.83
CA GLY A 14 26.52 -47.13 15.64
C GLY A 14 25.18 -47.29 14.99
N ASN A 15 24.11 -46.78 15.60
CA ASN A 15 22.77 -46.96 15.07
C ASN A 15 22.56 -46.13 13.82
N ARG A 16 21.80 -46.70 12.87
CA ARG A 16 21.60 -46.05 11.58
C ARG A 16 20.70 -44.82 11.69
N TRP A 17 19.64 -44.90 12.49
CA TRP A 17 18.66 -43.82 12.56
C TRP A 17 19.11 -42.65 13.42
N PHE A 18 20.13 -42.85 14.26
CA PHE A 18 20.65 -41.75 15.07
C PHE A 18 21.20 -40.64 14.19
N TYR A 19 21.91 -41.01 13.13
CA TYR A 19 22.48 -40.01 12.22
C TYR A 19 21.40 -39.39 11.35
N LEU A 20 20.34 -40.13 11.03
CA LEU A 20 19.19 -39.52 10.37
C LEU A 20 18.56 -38.45 11.26
N VAL A 21 18.43 -38.74 12.56
CA VAL A 21 17.88 -37.77 13.49
C VAL A 21 18.80 -36.55 13.59
N LEU A 22 20.12 -36.78 13.59
CA LEU A 22 21.06 -35.66 13.60
C LEU A 22 20.93 -34.79 12.36
N ALA A 23 20.76 -35.42 11.20
CA ALA A 23 20.57 -34.66 9.95
C ALA A 23 19.28 -33.85 9.99
N VAL A 24 18.20 -34.46 10.49
CA VAL A 24 16.94 -33.74 10.60
C VAL A 24 17.08 -32.57 11.57
N LEU A 25 17.83 -32.76 12.65
CA LEU A 25 18.08 -31.66 13.58
C LEU A 25 18.84 -30.53 12.91
N LEU A 26 19.85 -30.86 12.11
CA LEU A 26 20.62 -29.85 11.39
C LEU A 26 19.73 -29.05 10.45
N MET A 27 18.88 -29.75 9.70
CA MET A 27 17.96 -29.08 8.80
C MET A 27 16.97 -28.20 9.55
N CYS A 28 16.51 -28.69 10.71
CA CYS A 28 15.61 -27.89 11.55
C CYS A 28 16.30 -26.61 11.99
N MET A 29 17.57 -26.69 12.37
CA MET A 29 18.30 -25.50 12.79
C MET A 29 18.42 -24.49 11.64
N ILE A 30 18.76 -24.97 10.44
CA ILE A 30 18.99 -24.05 9.33
C ILE A 30 17.70 -23.67 8.59
N SER A 31 16.54 -24.19 9.00
CA SER A 31 15.28 -23.87 8.33
C SER A 31 14.98 -22.38 8.35
N GLY A 32 15.22 -21.72 9.49
CA GLY A 32 14.81 -20.34 9.65
C GLY A 32 15.48 -19.40 8.67
N VAL A 33 16.73 -19.68 8.30
CA VAL A 33 17.47 -18.77 7.43
C VAL A 33 16.72 -18.55 6.12
N GLN A 34 16.16 -19.61 5.54
CA GLN A 34 15.44 -19.46 4.29
C GLN A 34 13.95 -19.21 4.48
N TYR A 35 13.30 -19.92 5.41
CA TYR A 35 11.84 -19.83 5.46
C TYR A 35 11.31 -18.74 6.39
N SER A 36 12.17 -18.04 7.13
CA SER A 36 11.70 -16.84 7.81
C SER A 36 11.56 -15.67 6.86
N TRP A 37 12.13 -15.76 5.66
CA TRP A 37 12.09 -14.64 4.72
C TRP A 37 10.68 -14.41 4.19
N THR A 38 9.88 -15.47 4.04
CA THR A 38 8.57 -15.35 3.42
C THR A 38 7.71 -14.29 4.10
N LEU A 39 7.82 -14.20 5.43
CA LEU A 39 7.00 -13.26 6.19
C LEU A 39 7.70 -11.92 6.40
N TYR A 40 9.01 -11.93 6.60
CA TYR A 40 9.74 -10.71 6.95
C TYR A 40 10.25 -9.94 5.74
N ALA A 41 10.03 -10.45 4.52
CA ALA A 41 10.48 -9.71 3.34
C ALA A 41 9.80 -8.36 3.24
N ASN A 42 8.47 -8.32 3.46
CA ASN A 42 7.76 -7.05 3.38
C ASN A 42 8.19 -6.06 4.46
N PRO A 43 8.27 -6.42 5.75
CA PRO A 43 8.77 -5.45 6.73
C PRO A 43 10.19 -4.98 6.47
N VAL A 44 11.06 -5.86 5.96
CA VAL A 44 12.42 -5.43 5.63
C VAL A 44 12.40 -4.42 4.49
N LYS A 45 11.54 -4.64 3.49
CA LYS A 45 11.36 -3.66 2.43
C LYS A 45 10.85 -2.34 2.99
N ASP A 46 9.91 -2.42 3.94
CA ASP A 46 9.28 -1.22 4.48
C ASP A 46 10.27 -0.33 5.20
N ASN A 47 11.12 -0.93 6.04
CA ASN A 47 12.09 -0.14 6.80
C ASN A 47 13.28 0.29 5.94
N LEU A 48 13.73 -0.57 5.02
CA LEU A 48 14.81 -0.18 4.13
C LEU A 48 14.39 0.88 3.13
N GLY A 49 13.09 1.04 2.88
CA GLY A 49 12.62 2.08 1.99
C GLY A 49 12.97 1.89 0.53
N VAL A 50 13.24 0.66 0.10
CA VAL A 50 13.59 0.39 -1.29
C VAL A 50 12.49 -0.44 -1.94
N SER A 51 12.63 -0.71 -3.22
CA SER A 51 11.62 -1.48 -3.93
C SER A 51 11.67 -2.95 -3.49
N LEU A 52 10.53 -3.64 -3.68
CA LEU A 52 10.46 -5.05 -3.35
C LEU A 52 11.51 -5.86 -4.10
N ALA A 53 11.83 -5.45 -5.33
CA ALA A 53 12.84 -6.16 -6.10
C ALA A 53 14.18 -6.16 -5.41
N ALA A 54 14.50 -5.11 -4.64
CA ALA A 54 15.79 -5.07 -3.95
C ALA A 54 15.93 -6.17 -2.91
N VAL A 55 14.95 -6.28 -2.01
CA VAL A 55 15.02 -7.31 -0.97
C VAL A 55 14.89 -8.70 -1.59
N GLN A 56 14.07 -8.82 -2.64
CA GLN A 56 13.99 -10.11 -3.32
C GLN A 56 15.31 -10.48 -3.99
N THR A 57 16.06 -9.49 -4.48
CA THR A 57 17.38 -9.77 -5.03
C THR A 57 18.36 -10.16 -3.92
N ALA A 58 18.16 -9.63 -2.71
CA ALA A 58 18.96 -10.10 -1.58
C ALA A 58 18.70 -11.58 -1.31
N PHE A 59 17.43 -11.98 -1.32
CA PHE A 59 17.10 -13.40 -1.20
C PHE A 59 17.71 -14.20 -2.34
N THR A 60 17.65 -13.66 -3.55
CA THR A 60 18.22 -14.33 -4.71
C THR A 60 19.71 -14.55 -4.55
N LEU A 61 20.44 -13.55 -4.06
CA LEU A 61 21.87 -13.70 -3.84
C LEU A 61 22.15 -14.77 -2.79
N SER A 62 21.37 -14.76 -1.70
CA SER A 62 21.56 -15.77 -0.66
C SER A 62 21.41 -17.18 -1.23
N GLN A 63 20.43 -17.36 -2.12
CA GLN A 63 20.24 -18.69 -2.72
C GLN A 63 21.25 -18.99 -3.81
N VAL A 64 21.72 -17.98 -4.54
CA VAL A 64 22.65 -18.21 -5.65
C VAL A 64 24.01 -18.63 -5.14
N ILE A 65 24.50 -17.98 -4.07
CA ILE A 65 25.82 -18.35 -3.56
C ILE A 65 25.85 -19.80 -3.09
N GLN A 66 24.68 -20.40 -2.83
CA GLN A 66 24.64 -21.81 -2.48
C GLN A 66 25.13 -22.68 -3.63
N ALA A 67 24.90 -22.25 -4.87
CA ALA A 67 25.37 -23.03 -6.02
C ALA A 67 26.87 -23.14 -6.05
N GLY A 68 27.59 -22.12 -5.60
CA GLY A 68 29.03 -22.17 -5.53
C GLY A 68 29.53 -22.74 -4.22
N SER A 69 28.67 -22.71 -3.20
CA SER A 69 29.07 -23.21 -1.88
C SER A 69 28.93 -24.72 -1.79
N GLN A 70 27.71 -25.24 -1.98
CA GLN A 70 27.40 -26.64 -1.71
C GLN A 70 28.33 -27.63 -2.41
N PRO A 71 28.65 -27.49 -3.71
CA PRO A 71 29.66 -28.38 -4.29
C PRO A 71 31.02 -28.26 -3.61
N GLY A 72 31.40 -27.06 -3.17
CA GLY A 72 32.67 -26.90 -2.48
C GLY A 72 32.73 -27.69 -1.18
N GLY A 73 31.67 -27.59 -0.37
CA GLY A 73 31.61 -28.38 0.84
C GLY A 73 31.47 -29.86 0.55
N GLY A 74 30.76 -30.21 -0.52
CA GLY A 74 30.60 -31.60 -0.90
C GLY A 74 31.90 -32.25 -1.32
N TYR A 75 32.79 -31.49 -1.95
CA TYR A 75 34.12 -32.01 -2.26
C TYR A 75 34.82 -32.53 -1.02
N PHE A 76 34.89 -31.69 0.02
CA PHE A 76 35.56 -32.08 1.26
C PHE A 76 34.79 -33.18 1.98
N VAL A 77 33.46 -33.13 1.94
CA VAL A 77 32.66 -34.18 2.59
C VAL A 77 32.94 -35.53 1.94
N ASP A 78 32.99 -35.56 0.61
CA ASP A 78 33.22 -36.80 -0.12
C ASP A 78 34.61 -37.34 0.11
N LYS A 79 35.62 -36.46 0.10
CA LYS A 79 36.99 -36.92 0.19
C LYS A 79 37.40 -37.22 1.64
N PHE A 80 37.31 -36.22 2.52
CA PHE A 80 37.86 -36.33 3.87
C PHE A 80 36.81 -36.51 4.96
N GLY A 81 35.52 -36.46 4.65
CA GLY A 81 34.50 -36.61 5.65
C GLY A 81 33.72 -35.33 5.90
N PRO A 82 32.61 -35.44 6.64
CA PRO A 82 31.71 -34.29 6.83
C PRO A 82 31.95 -33.45 8.07
N ARG A 83 32.89 -33.81 8.95
CA ARG A 83 33.02 -33.13 10.23
C ARG A 83 33.57 -31.71 10.06
N ILE A 84 34.75 -31.58 9.46
CA ILE A 84 35.33 -30.25 9.22
C ILE A 84 34.43 -29.41 8.31
N PRO A 85 33.89 -29.92 7.20
CA PRO A 85 32.96 -29.10 6.41
C PRO A 85 31.77 -28.61 7.20
N LEU A 86 31.20 -29.45 8.06
CA LEU A 86 30.08 -29.00 8.89
C LEU A 86 30.52 -27.96 9.90
N MET A 87 31.74 -28.11 10.44
CA MET A 87 32.27 -27.12 11.36
C MET A 87 32.30 -25.74 10.70
N PHE A 88 32.91 -25.64 9.52
CA PHE A 88 33.04 -24.32 8.92
C PHE A 88 31.73 -23.85 8.27
N GLY A 89 30.83 -24.77 7.90
CA GLY A 89 29.51 -24.34 7.48
C GLY A 89 28.70 -23.73 8.61
N GLY A 90 28.73 -24.36 9.78
CA GLY A 90 28.10 -23.75 10.95
C GLY A 90 28.75 -22.43 11.31
N ALA A 91 30.07 -22.33 11.13
CA ALA A 91 30.75 -21.05 11.36
C ALA A 91 30.22 -19.97 10.42
N MET A 92 30.07 -20.30 9.13
CA MET A 92 29.55 -19.31 8.19
C MET A 92 28.11 -18.92 8.50
N VAL A 93 27.29 -19.89 8.87
CA VAL A 93 25.91 -19.57 9.26
C VAL A 93 25.89 -18.66 10.47
N LEU A 94 26.73 -18.95 11.46
CA LEU A 94 26.82 -18.12 12.65
C LEU A 94 27.23 -16.70 12.31
N ALA A 95 28.25 -16.56 11.45
CA ALA A 95 28.72 -15.23 11.06
C ALA A 95 27.63 -14.46 10.32
N GLY A 96 26.93 -15.13 9.40
CA GLY A 96 25.91 -14.44 8.62
C GLY A 96 24.72 -14.01 9.46
N TRP A 97 24.20 -14.92 10.29
CA TRP A 97 22.98 -14.63 11.04
C TRP A 97 23.22 -13.77 12.26
N THR A 98 24.39 -13.89 12.89
CA THR A 98 24.63 -13.17 14.15
C THR A 98 24.58 -11.67 13.96
N PHE A 99 25.22 -11.16 12.92
CA PHE A 99 25.28 -9.73 12.65
C PHE A 99 24.13 -9.26 11.78
N MET A 100 23.20 -10.15 11.42
CA MET A 100 22.07 -9.78 10.56
C MET A 100 21.17 -8.74 11.22
N GLY A 101 21.15 -8.69 12.55
CA GLY A 101 20.29 -7.72 13.22
C GLY A 101 20.71 -6.28 12.99
N MET A 102 22.02 -6.02 13.02
CA MET A 102 22.53 -4.66 12.87
C MET A 102 22.71 -4.34 11.38
N VAL A 103 21.58 -4.25 10.68
CA VAL A 103 21.55 -3.87 9.28
C VAL A 103 20.65 -2.65 9.13
N ASP A 104 21.17 -1.62 8.45
CA ASP A 104 20.36 -0.46 8.11
C ASP A 104 20.65 0.02 6.70
N SER A 105 21.37 -0.76 5.90
CA SER A 105 21.66 -0.44 4.51
C SER A 105 21.37 -1.65 3.64
N VAL A 106 21.00 -1.40 2.39
CA VAL A 106 20.66 -2.49 1.48
C VAL A 106 21.85 -3.40 1.21
N PRO A 107 23.05 -2.89 0.84
CA PRO A 107 24.17 -3.81 0.61
C PRO A 107 24.60 -4.60 1.83
N ALA A 108 24.44 -4.07 3.04
CA ALA A 108 24.75 -4.83 4.24
C ALA A 108 23.86 -6.06 4.34
N LEU A 109 22.55 -5.88 4.13
CA LEU A 109 21.64 -7.01 4.10
C LEU A 109 22.03 -7.98 2.98
N TYR A 110 22.35 -7.45 1.80
CA TYR A 110 22.77 -8.31 0.69
C TYR A 110 23.92 -9.22 1.11
N ALA A 111 24.98 -8.63 1.66
CA ALA A 111 26.19 -9.39 1.97
C ALA A 111 25.94 -10.39 3.09
N LEU A 112 25.29 -9.94 4.17
CA LEU A 112 25.09 -10.83 5.32
C LEU A 112 24.16 -11.99 4.98
N TYR A 113 23.08 -11.72 4.25
CA TYR A 113 22.18 -12.79 3.84
C TYR A 113 22.86 -13.74 2.87
N THR A 114 23.73 -13.22 2.00
CA THR A 114 24.49 -14.08 1.10
C THR A 114 25.43 -14.99 1.89
N LEU A 115 26.09 -14.46 2.92
CA LEU A 115 26.97 -15.28 3.74
C LEU A 115 26.18 -16.38 4.46
N ALA A 116 25.03 -16.01 5.04
CA ALA A 116 24.19 -16.99 5.72
C ALA A 116 23.74 -18.08 4.75
N GLY A 117 23.35 -17.69 3.53
CA GLY A 117 22.97 -18.69 2.53
C GLY A 117 24.12 -19.59 2.14
N ALA A 118 25.33 -19.03 2.05
CA ALA A 118 26.50 -19.83 1.70
C ALA A 118 26.76 -20.90 2.76
N GLY A 119 26.61 -20.54 4.04
CA GLY A 119 26.72 -21.55 5.08
C GLY A 119 25.59 -22.57 5.04
N VAL A 120 24.36 -22.10 4.83
CA VAL A 120 23.19 -22.98 4.85
C VAL A 120 23.29 -24.01 3.74
N GLY A 121 23.82 -23.62 2.57
CA GLY A 121 23.89 -24.55 1.46
C GLY A 121 24.75 -25.77 1.78
N ILE A 122 25.95 -25.54 2.31
CA ILE A 122 26.81 -26.67 2.64
C ILE A 122 26.26 -27.47 3.81
N VAL A 123 25.63 -26.80 4.78
CA VAL A 123 25.04 -27.56 5.89
C VAL A 123 23.92 -28.47 5.38
N TYR A 124 23.07 -27.96 4.49
CA TYR A 124 22.01 -28.76 3.89
C TYR A 124 22.61 -29.93 3.10
N GLY A 125 23.65 -29.65 2.30
CA GLY A 125 24.27 -30.72 1.54
C GLY A 125 24.80 -31.81 2.44
N ILE A 126 25.42 -31.43 3.56
CA ILE A 126 25.97 -32.42 4.48
C ILE A 126 24.86 -33.25 5.12
N ALA A 127 23.79 -32.60 5.56
CA ALA A 127 22.69 -33.34 6.18
C ALA A 127 22.06 -34.32 5.20
N MET A 128 21.76 -33.85 3.99
CA MET A 128 21.15 -34.72 2.99
C MET A 128 22.09 -35.85 2.59
N ASN A 129 23.39 -35.57 2.46
CA ASN A 129 24.33 -36.63 2.11
C ASN A 129 24.42 -37.67 3.22
N THR A 130 24.44 -37.24 4.47
CA THR A 130 24.43 -38.19 5.58
C THR A 130 23.20 -39.09 5.51
N ALA A 131 22.03 -38.48 5.27
CA ALA A 131 20.81 -39.26 5.16
C ALA A 131 20.90 -40.28 4.03
N ASN A 132 21.34 -39.84 2.85
CA ASN A 132 21.35 -40.73 1.68
C ASN A 132 22.38 -41.85 1.83
N ARG A 133 23.57 -41.53 2.36
CA ARG A 133 24.59 -42.55 2.50
C ARG A 133 24.25 -43.56 3.60
N TRP A 134 23.59 -43.11 4.67
CA TRP A 134 23.26 -44.01 5.75
C TRP A 134 22.10 -44.95 5.42
N PHE A 135 21.30 -44.63 4.40
CA PHE A 135 20.13 -45.44 4.04
C PHE A 135 20.15 -45.75 2.54
N PRO A 136 21.08 -46.59 2.08
CA PRO A 136 21.05 -47.00 0.67
C PRO A 136 19.78 -47.76 0.30
N ASP A 137 19.21 -48.53 1.22
CA ASP A 137 18.01 -49.32 0.88
C ASP A 137 16.78 -48.43 0.80
N LYS A 138 16.63 -47.47 1.71
CA LYS A 138 15.51 -46.53 1.70
C LYS A 138 16.08 -45.12 1.58
N ARG A 139 16.35 -44.68 0.36
CA ARG A 139 16.86 -43.32 0.15
C ARG A 139 15.73 -42.30 0.10
N GLY A 140 14.60 -42.68 -0.50
CA GLY A 140 13.47 -41.77 -0.56
C GLY A 140 12.99 -41.36 0.82
N LEU A 141 12.85 -42.34 1.72
CA LEU A 141 12.35 -42.03 3.07
C LEU A 141 13.34 -41.18 3.86
N ALA A 142 14.63 -41.49 3.79
CA ALA A 142 15.62 -40.70 4.52
C ALA A 142 15.69 -39.27 3.97
N SER A 143 15.68 -39.14 2.65
CA SER A 143 15.67 -37.81 2.04
C SER A 143 14.41 -37.05 2.42
N GLY A 144 13.27 -37.74 2.46
CA GLY A 144 12.03 -37.10 2.86
C GLY A 144 12.04 -36.61 4.30
N PHE A 145 12.56 -37.44 5.21
CA PHE A 145 12.65 -37.02 6.60
C PHE A 145 13.58 -35.82 6.76
N THR A 146 14.73 -35.84 6.06
CA THR A 146 15.67 -34.73 6.19
C THR A 146 15.11 -33.44 5.59
N ALA A 147 14.48 -33.55 4.41
CA ALA A 147 13.86 -32.38 3.81
C ALA A 147 12.68 -31.89 4.62
N ALA A 148 11.97 -32.80 5.31
CA ALA A 148 10.89 -32.39 6.21
C ALA A 148 11.45 -31.62 7.39
N GLY A 149 12.59 -32.06 7.93
CA GLY A 149 13.25 -31.29 8.96
C GLY A 149 13.62 -29.90 8.47
N TYR A 150 14.06 -29.80 7.21
CA TYR A 150 14.38 -28.49 6.67
C TYR A 150 13.14 -27.62 6.47
N GLY A 151 12.02 -28.23 6.09
CA GLY A 151 10.83 -27.45 5.79
C GLY A 151 10.01 -27.07 7.00
N LEU A 152 10.11 -27.85 8.08
CA LEU A 152 9.27 -27.66 9.27
C LEU A 152 9.97 -26.94 10.41
N GLY A 153 11.30 -26.92 10.43
CA GLY A 153 12.03 -26.33 11.54
C GLY A 153 11.71 -24.86 11.77
N VAL A 154 11.24 -24.16 10.74
CA VAL A 154 10.89 -22.75 10.89
C VAL A 154 9.65 -22.58 11.75
N LEU A 155 8.75 -23.58 11.76
CA LEU A 155 7.50 -23.44 12.51
C LEU A 155 7.72 -23.25 14.02
N PRO A 156 8.61 -24.00 14.70
CA PRO A 156 8.88 -23.66 16.11
C PRO A 156 9.87 -22.52 16.28
N PHE A 157 10.80 -22.37 15.32
CA PHE A 157 11.85 -21.38 15.47
C PHE A 157 11.31 -19.95 15.38
N LEU A 158 10.36 -19.71 14.49
CA LEU A 158 9.88 -18.35 14.27
C LEU A 158 9.25 -17.72 15.51
N PRO A 159 8.38 -18.40 16.27
CA PRO A 159 7.87 -17.77 17.51
C PRO A 159 8.97 -17.36 18.48
N LEU A 160 10.04 -18.16 18.59
CA LEU A 160 11.08 -17.87 19.57
C LEU A 160 11.82 -16.58 19.23
N ILE A 161 12.25 -16.43 17.98
CA ILE A 161 12.91 -15.18 17.57
C ILE A 161 11.92 -14.03 17.58
N SER A 162 10.66 -14.29 17.23
CA SER A 162 9.64 -13.24 17.25
C SER A 162 9.40 -12.72 18.65
N SER A 163 9.37 -13.61 19.65
CA SER A 163 9.17 -13.18 21.03
C SER A 163 10.34 -12.33 21.51
N VAL A 164 11.57 -12.68 21.09
CA VAL A 164 12.73 -11.91 21.50
C VAL A 164 12.72 -10.53 20.86
N LEU A 165 12.27 -10.44 19.60
CA LEU A 165 12.25 -9.16 18.90
C LEU A 165 11.33 -8.17 19.60
N LYS A 166 10.12 -8.61 19.98
CA LYS A 166 9.21 -7.74 20.71
C LYS A 166 9.75 -7.39 22.08
N VAL A 167 10.38 -8.35 22.75
CA VAL A 167 10.81 -8.16 24.14
C VAL A 167 12.19 -7.52 24.21
N GLU A 168 13.12 -7.89 23.32
CA GLU A 168 14.50 -7.42 23.43
C GLU A 168 15.01 -6.67 22.22
N GLY A 169 14.50 -6.92 21.01
CA GLY A 169 14.86 -6.11 19.87
C GLY A 169 15.31 -6.95 18.70
N VAL A 170 15.82 -6.27 17.66
CA VAL A 170 16.15 -6.94 16.41
C VAL A 170 17.56 -7.53 16.47
N GLY A 171 18.54 -6.69 16.78
CA GLY A 171 19.93 -7.14 16.77
C GLY A 171 20.19 -8.23 17.81
N ALA A 172 19.63 -8.06 19.00
CA ALA A 172 19.78 -9.10 20.03
C ALA A 172 19.16 -10.40 19.57
N ALA A 173 17.98 -10.35 18.95
CA ALA A 173 17.32 -11.56 18.49
C ALA A 173 18.16 -12.28 17.44
N PHE A 174 18.62 -11.54 16.44
CA PHE A 174 19.42 -12.16 15.38
C PHE A 174 20.72 -12.74 15.92
N MET A 175 21.43 -11.98 16.76
CA MET A 175 22.68 -12.45 17.33
C MET A 175 22.46 -13.69 18.19
N TYR A 176 21.41 -13.70 19.01
CA TYR A 176 21.14 -14.82 19.91
C TYR A 176 20.77 -16.08 19.12
N THR A 177 19.86 -15.96 18.16
CA THR A 177 19.49 -17.12 17.37
C THR A 177 20.66 -17.64 16.54
N GLY A 178 21.47 -16.73 15.98
CA GLY A 178 22.65 -17.16 15.24
C GLY A 178 23.65 -17.87 16.12
N LEU A 179 23.87 -17.36 17.34
CA LEU A 179 24.78 -18.03 18.28
C LEU A 179 24.28 -19.42 18.62
N ILE A 180 22.98 -19.54 18.91
CA ILE A 180 22.43 -20.85 19.28
C ILE A 180 22.55 -21.83 18.12
N MET A 181 22.19 -21.39 16.90
CA MET A 181 22.24 -22.28 15.76
C MET A 181 23.68 -22.71 15.45
N GLY A 182 24.62 -21.75 15.47
CA GLY A 182 26.00 -22.10 15.20
C GLY A 182 26.58 -23.05 16.24
N ILE A 183 26.29 -22.80 17.52
CA ILE A 183 26.80 -23.66 18.58
C ILE A 183 26.21 -25.07 18.46
N LEU A 184 24.91 -25.17 18.18
CA LEU A 184 24.29 -26.48 18.03
C LEU A 184 24.85 -27.22 16.82
N ILE A 185 25.07 -26.51 15.71
CA ILE A 185 25.64 -27.16 14.52
C ILE A 185 27.06 -27.65 14.81
N ILE A 186 27.85 -26.84 15.52
CA ILE A 186 29.21 -27.26 15.88
C ILE A 186 29.16 -28.50 16.77
N LEU A 187 28.24 -28.52 17.74
CA LEU A 187 28.13 -29.68 18.61
C LEU A 187 27.73 -30.92 17.82
N ILE A 188 26.79 -30.79 16.88
CA ILE A 188 26.39 -31.92 16.06
C ILE A 188 27.53 -32.38 15.18
N ALA A 189 28.39 -31.46 14.71
CA ALA A 189 29.52 -31.83 13.88
C ALA A 189 30.53 -32.70 14.62
N PHE A 190 30.51 -32.68 15.96
CA PHE A 190 31.37 -33.58 16.73
C PHE A 190 30.93 -35.03 16.57
N VAL A 191 29.63 -35.27 16.40
CA VAL A 191 29.07 -36.61 16.51
C VAL A 191 28.87 -37.26 15.14
N ILE A 192 28.39 -36.51 14.15
CA ILE A 192 28.01 -37.11 12.88
C ILE A 192 29.21 -37.79 12.24
N ARG A 193 28.95 -38.92 11.57
CA ARG A 193 29.98 -39.66 10.86
C ARG A 193 29.31 -40.44 9.74
N PHE A 194 30.12 -40.87 8.79
CA PHE A 194 29.63 -41.65 7.67
C PHE A 194 29.65 -43.13 7.99
N PRO A 195 28.87 -43.94 7.27
CA PRO A 195 28.76 -45.36 7.63
C PRO A 195 30.08 -46.12 7.59
N GLY A 196 31.03 -45.72 6.75
CA GLY A 196 32.28 -46.46 6.64
C GLY A 196 33.07 -46.48 7.94
N GLN A 197 33.22 -45.31 8.55
CA GLN A 197 33.94 -45.20 9.82
C GLN A 197 33.68 -43.84 10.47
N GLN A 203 39.59 -43.21 3.67
CA GLN A 203 39.86 -43.58 2.29
C GLN A 203 38.57 -43.62 1.46
N ILE A 204 38.72 -43.89 0.17
CA ILE A 204 37.57 -43.94 -0.74
C ILE A 204 37.90 -44.91 -1.87
N VAL A 205 36.92 -45.73 -2.24
CA VAL A 205 37.07 -46.70 -3.32
C VAL A 205 35.99 -46.42 -4.37
N VAL A 206 36.39 -46.38 -5.63
CA VAL A 206 35.49 -46.07 -6.75
C VAL A 206 35.06 -47.37 -7.40
N THR A 207 33.76 -47.57 -7.51
CA THR A 207 33.20 -48.74 -8.16
C THR A 207 32.78 -48.38 -9.59
N ASP A 208 32.13 -49.33 -10.28
CA ASP A 208 31.69 -49.08 -11.64
C ASP A 208 30.53 -48.10 -11.71
N LYS A 209 29.65 -48.13 -10.72
CA LYS A 209 28.47 -47.27 -10.71
C LYS A 209 28.75 -45.86 -10.21
N ASP A 210 29.95 -45.58 -9.72
CA ASP A 210 30.29 -44.27 -9.18
C ASP A 210 30.71 -43.35 -10.32
N PHE A 211 29.92 -42.31 -10.56
CA PHE A 211 30.19 -41.33 -11.60
C PHE A 211 30.87 -40.11 -10.97
N ASN A 212 31.93 -39.62 -11.61
CA ASN A 212 32.58 -38.41 -11.14
C ASN A 212 31.81 -37.19 -11.62
N SER A 213 32.32 -36.00 -11.26
CA SER A 213 31.64 -34.77 -11.64
C SER A 213 31.59 -34.62 -13.17
N GLY A 214 32.75 -34.77 -13.83
CA GLY A 214 32.77 -34.65 -15.27
C GLY A 214 31.99 -35.75 -15.97
N GLU A 215 32.11 -36.99 -15.46
CA GLU A 215 31.38 -38.10 -16.05
C GLU A 215 29.87 -37.92 -15.91
N MET A 216 29.43 -37.42 -14.76
CA MET A 216 28.00 -37.14 -14.57
C MET A 216 27.54 -36.02 -15.49
N LEU A 217 28.31 -34.93 -15.56
CA LEU A 217 27.95 -33.81 -16.40
C LEU A 217 27.92 -34.20 -17.87
N ARG A 218 28.71 -35.20 -18.26
CA ARG A 218 28.73 -35.64 -19.65
C ARG A 218 27.38 -36.21 -20.08
N THR A 219 26.78 -37.05 -19.24
CA THR A 219 25.59 -37.77 -19.63
C THR A 219 24.40 -36.82 -19.76
N PRO A 220 23.52 -37.04 -20.74
CA PRO A 220 22.32 -36.19 -20.85
C PRO A 220 21.32 -36.40 -19.73
N GLN A 221 21.40 -37.50 -18.99
CA GLN A 221 20.47 -37.73 -17.89
C GLN A 221 20.62 -36.66 -16.81
N PHE A 222 21.86 -36.31 -16.46
CA PHE A 222 22.08 -35.29 -15.44
C PHE A 222 21.51 -33.96 -15.87
N TRP A 223 21.70 -33.58 -17.15
CA TRP A 223 21.22 -32.28 -17.59
C TRP A 223 19.71 -32.26 -17.75
N VAL A 224 19.09 -33.38 -18.13
CA VAL A 224 17.64 -33.46 -18.12
C VAL A 224 17.10 -33.26 -16.71
N LEU A 225 17.72 -33.94 -15.74
CA LEU A 225 17.31 -33.77 -14.35
C LEU A 225 17.54 -32.34 -13.87
N TRP A 226 18.66 -31.74 -14.26
CA TRP A 226 18.98 -30.37 -13.86
C TRP A 226 17.94 -29.40 -14.41
N THR A 227 17.58 -29.55 -15.68
CA THR A 227 16.57 -28.69 -16.28
C THR A 227 15.21 -28.91 -15.64
N ALA A 228 14.85 -30.16 -15.35
CA ALA A 228 13.58 -30.43 -14.69
C ALA A 228 13.51 -29.79 -13.31
N PHE A 229 14.60 -29.91 -12.54
CA PHE A 229 14.64 -29.31 -11.21
C PHE A 229 14.59 -27.78 -11.30
N PHE A 230 15.31 -27.21 -12.27
CA PHE A 230 15.29 -25.77 -12.49
C PHE A 230 13.88 -25.28 -12.84
N SER A 231 13.18 -26.03 -13.69
CA SER A 231 11.82 -25.65 -14.07
C SER A 231 10.85 -25.80 -12.90
N VAL A 232 11.01 -26.87 -12.10
CA VAL A 232 10.12 -27.10 -10.96
C VAL A 232 10.27 -26.00 -9.92
N ASN A 233 11.51 -25.62 -9.62
CA ASN A 233 11.73 -24.70 -8.51
C ASN A 233 11.18 -23.30 -8.76
N PHE A 234 10.79 -22.98 -10.00
CA PHE A 234 10.34 -21.63 -10.33
C PHE A 234 9.18 -21.19 -9.44
N GLY A 235 8.05 -21.90 -9.55
CA GLY A 235 6.86 -21.51 -8.79
C GLY A 235 7.07 -21.61 -7.29
N GLY A 236 7.73 -22.67 -6.84
CA GLY A 236 7.96 -22.82 -5.41
C GLY A 236 8.76 -21.68 -4.82
N LEU A 237 9.88 -21.33 -5.47
CA LEU A 237 10.73 -20.27 -4.93
C LEU A 237 10.07 -18.91 -5.08
N LEU A 238 9.33 -18.67 -6.17
CA LEU A 238 8.60 -17.43 -6.29
C LEU A 238 7.55 -17.31 -5.18
N LEU A 239 6.88 -18.42 -4.85
CA LEU A 239 5.91 -18.40 -3.76
C LEU A 239 6.60 -18.13 -2.43
N VAL A 240 7.73 -18.80 -2.16
CA VAL A 240 8.48 -18.57 -0.93
C VAL A 240 8.86 -17.10 -0.81
N ALA A 241 9.26 -16.49 -1.93
CA ALA A 241 9.71 -15.10 -1.87
C ALA A 241 8.54 -14.13 -1.72
N ASN A 242 7.43 -14.35 -2.45
CA ASN A 242 6.44 -13.30 -2.63
C ASN A 242 5.00 -13.79 -2.42
N SER A 243 4.78 -14.76 -1.54
CA SER A 243 3.39 -15.14 -1.28
C SER A 243 2.65 -14.03 -0.54
N VAL A 244 3.30 -13.41 0.45
CA VAL A 244 2.64 -12.36 1.21
C VAL A 244 2.31 -11.14 0.35
N PRO A 245 3.24 -10.58 -0.43
CA PRO A 245 2.84 -9.46 -1.32
C PRO A 245 1.78 -9.85 -2.34
N TYR A 246 1.89 -11.03 -2.94
CA TYR A 246 0.86 -11.47 -3.87
C TYR A 246 -0.46 -11.70 -3.15
N GLY A 247 -0.41 -12.26 -1.94
CA GLY A 247 -1.62 -12.44 -1.16
C GLY A 247 -2.32 -11.12 -0.86
N ARG A 248 -1.55 -10.10 -0.50
CA ARG A 248 -2.15 -8.79 -0.29
C ARG A 248 -2.71 -8.22 -1.58
N SER A 249 -2.00 -8.43 -2.70
CA SER A 249 -2.57 -8.04 -3.99
C SER A 249 -3.89 -8.73 -4.26
N LEU A 250 -4.09 -9.91 -3.67
CA LEU A 250 -5.41 -10.54 -3.70
C LEU A 250 -6.39 -9.93 -2.71
N GLY A 251 -5.90 -9.19 -1.72
CA GLY A 251 -6.77 -8.49 -0.79
C GLY A 251 -7.00 -9.25 0.51
N LEU A 252 -5.93 -9.75 1.11
CA LEU A 252 -6.00 -10.56 2.31
C LEU A 252 -5.41 -9.82 3.50
N ALA A 253 -6.04 -10.00 4.66
CA ALA A 253 -5.56 -9.36 5.87
C ALA A 253 -4.23 -9.96 6.32
N ALA A 254 -3.55 -9.25 7.23
CA ALA A 254 -2.27 -9.72 7.72
C ALA A 254 -2.40 -11.06 8.44
N GLY A 255 -3.44 -11.20 9.26
CA GLY A 255 -3.64 -12.47 9.96
C GLY A 255 -3.89 -13.62 9.00
N VAL A 256 -4.70 -13.39 7.97
CA VAL A 256 -4.98 -14.44 6.99
C VAL A 256 -3.71 -14.84 6.27
N LEU A 257 -2.88 -13.87 5.90
CA LEU A 257 -1.64 -14.17 5.21
C LEU A 257 -0.67 -14.92 6.10
N THR A 258 -0.62 -14.57 7.39
CA THR A 258 0.26 -15.30 8.31
C THR A 258 -0.20 -16.73 8.50
N ILE A 259 -1.52 -16.94 8.65
CA ILE A 259 -2.03 -18.31 8.74
C ILE A 259 -1.72 -19.07 7.45
N GLY A 260 -1.84 -18.40 6.31
CA GLY A 260 -1.52 -19.05 5.04
C GLY A 260 -0.06 -19.44 4.94
N VAL A 261 0.84 -18.57 5.42
CA VAL A 261 2.26 -18.89 5.40
C VAL A 261 2.55 -20.09 6.31
N SER A 262 1.94 -20.10 7.51
CA SER A 262 2.13 -21.25 8.39
C SER A 262 1.60 -22.53 7.75
N ILE A 263 0.44 -22.46 7.11
CA ILE A 263 -0.15 -23.65 6.49
C ILE A 263 0.71 -24.14 5.34
N GLN A 264 1.20 -23.23 4.48
CA GLN A 264 2.03 -23.64 3.35
C GLN A 264 3.34 -24.25 3.84
N ASN A 265 3.94 -23.68 4.89
CA ASN A 265 5.15 -24.26 5.45
C ASN A 265 4.88 -25.65 6.02
N LEU A 266 3.75 -25.82 6.71
CA LEU A 266 3.41 -27.11 7.30
C LEU A 266 3.20 -28.17 6.21
N PHE A 267 2.41 -27.84 5.18
CA PHE A 267 2.17 -28.79 4.10
C PHE A 267 3.46 -29.12 3.36
N ASN A 268 4.27 -28.09 3.09
CA ASN A 268 5.54 -28.30 2.40
C ASN A 268 6.44 -29.24 3.21
N GLY A 269 6.53 -29.02 4.51
CA GLY A 269 7.35 -29.89 5.34
C GLY A 269 6.83 -31.31 5.43
N GLY A 270 5.50 -31.45 5.57
CA GLY A 270 4.93 -32.78 5.71
C GLY A 270 4.88 -33.59 4.44
N CYS A 271 4.97 -32.94 3.29
CA CYS A 271 4.90 -33.69 2.03
C CYS A 271 6.14 -34.53 1.78
N ARG A 272 7.31 -34.10 2.27
CA ARG A 272 8.56 -34.78 1.90
C ARG A 272 8.61 -36.24 2.32
N PRO A 273 8.29 -36.64 3.56
CA PRO A 273 8.29 -38.08 3.86
C PRO A 273 7.29 -38.87 3.03
N PHE A 274 6.13 -38.29 2.74
CA PHE A 274 5.11 -39.00 1.97
C PHE A 274 5.59 -39.25 0.54
N TRP A 275 6.08 -38.21 -0.13
CA TRP A 275 6.56 -38.38 -1.49
C TRP A 275 7.82 -39.23 -1.52
N GLY A 276 8.64 -39.19 -0.47
CA GLY A 276 9.79 -40.08 -0.39
C GLY A 276 9.40 -41.54 -0.26
N PHE A 277 8.37 -41.82 0.55
CA PHE A 277 7.85 -43.18 0.64
C PHE A 277 7.28 -43.65 -0.69
N VAL A 278 6.55 -42.77 -1.38
CA VAL A 278 6.03 -43.13 -2.70
C VAL A 278 7.17 -43.41 -3.67
N SER A 279 8.21 -42.58 -3.64
CA SER A 279 9.36 -42.78 -4.51
C SER A 279 10.14 -44.04 -4.15
N ASP A 280 10.05 -44.47 -2.90
CA ASP A 280 10.66 -45.75 -2.53
C ASP A 280 9.84 -46.94 -3.04
N LYS A 281 8.51 -46.86 -2.94
CA LYS A 281 7.65 -47.97 -3.34
C LYS A 281 7.31 -47.97 -4.83
N ILE A 282 7.55 -46.87 -5.54
CA ILE A 282 7.35 -46.79 -6.99
C ILE A 282 8.61 -46.20 -7.60
N GLY A 283 8.72 -46.29 -8.92
CA GLY A 283 9.82 -45.64 -9.61
C GLY A 283 9.85 -44.16 -9.32
N ARG A 284 11.04 -43.63 -9.00
CA ARG A 284 11.14 -42.23 -8.62
C ARG A 284 10.78 -41.30 -9.79
N TYR A 285 11.02 -41.74 -11.02
CA TYR A 285 10.67 -40.91 -12.17
C TYR A 285 9.16 -40.75 -12.29
N LYS A 286 8.40 -41.81 -12.05
CA LYS A 286 6.95 -41.71 -12.13
C LYS A 286 6.39 -40.82 -11.01
N THR A 287 6.97 -40.92 -9.81
CA THR A 287 6.59 -40.01 -8.73
C THR A 287 6.89 -38.57 -9.11
N MET A 288 8.07 -38.34 -9.71
CA MET A 288 8.43 -37.02 -10.20
C MET A 288 7.40 -36.50 -11.20
N SER A 289 7.00 -37.36 -12.14
CA SER A 289 6.05 -36.95 -13.17
C SER A 289 4.69 -36.58 -12.55
N VAL A 290 4.20 -37.42 -11.63
CA VAL A 290 2.91 -37.15 -11.00
C VAL A 290 2.96 -35.84 -10.22
N VAL A 291 4.02 -35.66 -9.43
CA VAL A 291 4.15 -34.47 -8.62
C VAL A 291 4.23 -33.22 -9.49
N PHE A 292 5.01 -33.29 -10.58
CA PHE A 292 5.19 -32.11 -11.42
C PHE A 292 3.91 -31.78 -12.19
N GLY A 293 3.17 -32.81 -12.62
CA GLY A 293 1.90 -32.56 -13.26
C GLY A 293 0.91 -31.88 -12.33
N ILE A 294 0.81 -32.37 -11.09
CA ILE A 294 -0.08 -31.75 -10.12
C ILE A 294 0.34 -30.31 -9.84
N ASN A 295 1.66 -30.08 -9.72
CA ASN A 295 2.15 -28.72 -9.50
C ASN A 295 1.80 -27.80 -10.64
N ALA A 296 1.96 -28.28 -11.88
CA ALA A 296 1.61 -27.45 -13.04
C ALA A 296 0.12 -27.13 -13.05
N VAL A 297 -0.72 -28.12 -12.71
CA VAL A 297 -2.16 -27.89 -12.66
C VAL A 297 -2.49 -26.84 -11.61
N VAL A 298 -1.88 -26.93 -10.43
CA VAL A 298 -2.15 -25.95 -9.37
C VAL A 298 -1.70 -24.56 -9.79
N LEU A 299 -0.50 -24.45 -10.38
CA LEU A 299 0.01 -23.14 -10.76
C LEU A 299 -0.81 -22.51 -11.89
N ALA A 300 -1.31 -23.33 -12.81
CA ALA A 300 -2.19 -22.80 -13.85
C ALA A 300 -3.47 -22.23 -13.26
N LEU A 301 -4.04 -22.92 -12.26
CA LEU A 301 -5.28 -22.51 -11.63
C LEU A 301 -5.09 -21.53 -10.48
N PHE A 302 -3.85 -21.16 -10.15
CA PHE A 302 -3.61 -20.36 -8.95
C PHE A 302 -4.28 -18.99 -8.98
N PRO A 303 -4.13 -18.17 -10.03
CA PRO A 303 -4.80 -16.86 -10.00
C PRO A 303 -6.31 -16.95 -9.88
N THR A 304 -6.93 -18.01 -10.42
CA THR A 304 -8.38 -18.09 -10.42
C THR A 304 -8.92 -18.60 -9.07
N ILE A 305 -8.43 -19.75 -8.61
CA ILE A 305 -8.92 -20.29 -7.34
C ILE A 305 -8.47 -19.42 -6.17
N ALA A 306 -7.24 -18.88 -6.24
CA ALA A 306 -6.77 -18.01 -5.17
C ALA A 306 -7.58 -16.74 -5.07
N ALA A 307 -8.11 -16.24 -6.20
CA ALA A 307 -8.97 -15.06 -6.17
C ALA A 307 -10.34 -15.35 -5.58
N LEU A 308 -10.67 -16.61 -5.33
CA LEU A 308 -12.01 -16.94 -4.83
C LEU A 308 -12.21 -16.48 -3.40
N GLY A 309 -11.20 -16.62 -2.55
CA GLY A 309 -11.34 -16.23 -1.16
C GLY A 309 -10.11 -16.59 -0.36
N ASP A 310 -10.21 -16.38 0.95
CA ASP A 310 -9.09 -16.68 1.84
C ASP A 310 -8.84 -18.17 1.95
N VAL A 311 -9.90 -18.96 2.17
CA VAL A 311 -9.76 -20.40 2.29
C VAL A 311 -9.26 -20.99 0.99
N ALA A 312 -9.81 -20.53 -0.14
CA ALA A 312 -9.37 -21.02 -1.44
C ALA A 312 -7.90 -20.67 -1.69
N PHE A 313 -7.49 -19.44 -1.35
CA PHE A 313 -6.09 -19.05 -1.53
C PHE A 313 -5.16 -19.90 -0.68
N ILE A 314 -5.52 -20.11 0.59
CA ILE A 314 -4.64 -20.88 1.47
C ILE A 314 -4.58 -22.35 1.04
N ALA A 315 -5.70 -22.89 0.56
CA ALA A 315 -5.70 -24.26 0.05
C ALA A 315 -4.82 -24.37 -1.19
N MET A 316 -4.91 -23.40 -2.09
CA MET A 316 -4.03 -23.38 -3.26
C MET A 316 -2.57 -23.34 -2.83
N LEU A 317 -2.25 -22.49 -1.85
CA LEU A 317 -0.89 -22.41 -1.34
C LEU A 317 -0.42 -23.75 -0.79
N ALA A 318 -1.27 -24.40 0.02
CA ALA A 318 -0.89 -25.66 0.65
C ALA A 318 -0.64 -26.74 -0.39
N ILE A 319 -1.51 -26.85 -1.40
CA ILE A 319 -1.33 -27.87 -2.42
C ILE A 319 -0.08 -27.58 -3.26
N ALA A 320 0.12 -26.31 -3.62
CA ALA A 320 1.30 -25.95 -4.41
C ALA A 320 2.58 -26.28 -3.67
N PHE A 321 2.63 -25.98 -2.37
CA PHE A 321 3.84 -26.26 -1.61
C PHE A 321 4.02 -27.76 -1.37
N PHE A 322 2.92 -28.49 -1.16
CA PHE A 322 2.97 -29.95 -1.13
C PHE A 322 3.71 -30.49 -2.36
N THR A 323 3.19 -30.16 -3.55
CA THR A 323 3.80 -30.67 -4.78
C THR A 323 5.24 -30.19 -4.92
N TRP A 324 5.49 -28.90 -4.75
CA TRP A 324 6.83 -28.38 -4.99
C TRP A 324 7.85 -29.00 -4.04
N GLY A 325 7.54 -29.02 -2.74
CA GLY A 325 8.47 -29.59 -1.78
C GLY A 325 8.66 -31.08 -1.92
N GLY A 326 7.72 -31.77 -2.59
CA GLY A 326 7.91 -33.19 -2.82
C GLY A 326 9.20 -33.54 -3.56
N SER A 327 9.73 -32.60 -4.35
CA SER A 327 10.89 -32.89 -5.19
C SER A 327 12.22 -32.84 -4.43
N TYR A 328 12.25 -32.22 -3.24
CA TYR A 328 13.51 -32.11 -2.51
C TYR A 328 13.88 -33.39 -1.78
N ALA A 329 13.00 -34.40 -1.79
CA ALA A 329 13.39 -35.76 -1.48
C ALA A 329 13.54 -36.60 -2.74
N LEU A 330 12.86 -36.22 -3.83
CA LEU A 330 12.94 -36.98 -5.07
C LEU A 330 14.32 -36.85 -5.71
N PHE A 331 14.87 -35.66 -5.76
CA PHE A 331 16.07 -35.42 -6.55
C PHE A 331 17.36 -35.95 -5.91
N PRO A 332 17.60 -35.72 -4.60
CA PRO A 332 18.82 -36.29 -4.00
C PRO A 332 18.87 -37.81 -4.06
N SER A 333 17.74 -38.47 -3.83
CA SER A 333 17.72 -39.93 -3.91
C SER A 333 17.97 -40.41 -5.33
N THR A 334 17.40 -39.71 -6.32
CA THR A 334 17.68 -40.04 -7.72
C THR A 334 19.16 -39.87 -8.03
N ASN A 335 19.77 -38.78 -7.56
CA ASN A 335 21.18 -38.56 -7.80
C ASN A 335 22.03 -39.66 -7.18
N SER A 336 21.72 -40.04 -5.94
CA SER A 336 22.49 -41.12 -5.31
C SER A 336 22.29 -42.45 -6.04
N ASP A 337 21.06 -42.73 -6.48
CA ASP A 337 20.78 -43.99 -7.16
C ASP A 337 21.52 -44.07 -8.50
N ILE A 338 21.56 -42.98 -9.24
CA ILE A 338 22.02 -43.02 -10.63
C ILE A 338 23.53 -42.87 -10.73
N PHE A 339 24.11 -41.89 -10.04
CA PHE A 339 25.52 -41.54 -10.21
C PHE A 339 26.38 -41.92 -9.01
N GLY A 340 26.08 -43.08 -8.39
CA GLY A 340 26.94 -43.62 -7.36
C GLY A 340 26.71 -42.99 -6.00
N THR A 341 27.45 -43.52 -5.02
CA THR A 341 27.35 -43.11 -3.62
C THR A 341 28.60 -42.40 -3.11
N ALA A 342 29.79 -42.82 -3.55
CA ALA A 342 31.02 -42.22 -3.06
C ALA A 342 31.22 -40.79 -3.54
N TYR A 343 30.44 -40.33 -4.52
CA TYR A 343 30.59 -38.98 -5.07
C TYR A 343 29.32 -38.14 -4.89
N SER A 344 28.47 -38.51 -3.93
CA SER A 344 27.09 -38.03 -3.90
C SER A 344 26.94 -36.58 -3.42
N ALA A 345 27.79 -36.12 -2.50
CA ALA A 345 27.61 -34.78 -1.93
C ALA A 345 27.81 -33.70 -2.98
N ARG A 346 29.00 -33.66 -3.57
CA ARG A 346 29.26 -32.70 -4.64
C ARG A 346 28.39 -32.96 -5.86
N ASN A 347 27.88 -34.19 -6.01
CA ASN A 347 26.96 -34.48 -7.10
C ASN A 347 25.63 -33.77 -6.90
N TYR A 348 25.10 -33.80 -5.67
CA TYR A 348 23.88 -33.05 -5.37
C TYR A 348 24.13 -31.55 -5.32
N GLY A 349 25.39 -31.14 -5.14
CA GLY A 349 25.72 -29.73 -5.26
C GLY A 349 25.36 -29.15 -6.62
N PHE A 350 25.55 -29.94 -7.69
CA PHE A 350 25.21 -29.47 -9.02
C PHE A 350 23.71 -29.36 -9.24
N PHE A 351 22.90 -30.11 -8.48
CA PHE A 351 21.45 -29.90 -8.49
C PHE A 351 21.07 -28.68 -7.67
N TRP A 352 21.79 -28.44 -6.57
CA TRP A 352 21.62 -27.19 -5.84
C TRP A 352 21.92 -25.99 -6.75
N ALA A 353 22.82 -26.18 -7.72
CA ALA A 353 23.05 -25.14 -8.71
C ALA A 353 21.79 -24.85 -9.52
N ALA A 354 21.05 -25.89 -9.91
CA ALA A 354 19.77 -25.67 -10.59
C ALA A 354 18.79 -24.95 -9.68
N LYS A 355 18.79 -25.30 -8.39
CA LYS A 355 17.94 -24.60 -7.43
C LYS A 355 18.25 -23.10 -7.40
N ALA A 356 19.54 -22.76 -7.38
CA ALA A 356 19.93 -21.35 -7.37
C ALA A 356 19.55 -20.65 -8.68
N THR A 357 19.78 -21.31 -9.81
CA THR A 357 19.43 -20.70 -11.08
C THR A 357 17.94 -20.45 -11.20
N ALA A 358 17.11 -21.32 -10.60
CA ALA A 358 15.68 -21.06 -10.55
C ALA A 358 15.33 -19.97 -9.54
N SER A 359 16.05 -19.91 -8.42
CA SER A 359 15.83 -18.82 -7.47
C SER A 359 16.18 -17.46 -8.05
N ILE A 360 16.99 -17.43 -9.12
CA ILE A 360 17.22 -16.18 -9.83
C ILE A 360 15.89 -15.57 -10.28
N PHE A 361 15.03 -16.38 -10.89
CA PHE A 361 13.69 -15.89 -11.23
C PHE A 361 12.77 -15.83 -10.02
N GLY A 362 12.95 -16.74 -9.06
CA GLY A 362 12.07 -16.79 -7.92
C GLY A 362 12.08 -15.52 -7.08
N GLY A 363 13.19 -14.79 -7.11
CA GLY A 363 13.32 -13.57 -6.33
C GLY A 363 13.22 -12.29 -7.14
N GLY A 364 14.38 -11.67 -7.41
CA GLY A 364 14.38 -10.34 -8.01
C GLY A 364 13.76 -10.31 -9.40
N LEU A 365 14.13 -11.26 -10.26
CA LEU A 365 13.64 -11.25 -11.63
C LEU A 365 12.12 -11.43 -11.66
N GLY A 366 11.60 -12.36 -10.87
CA GLY A 366 10.15 -12.53 -10.81
C GLY A 366 9.45 -11.34 -10.21
N ALA A 367 10.09 -10.69 -9.22
CA ALA A 367 9.51 -9.47 -8.66
C ALA A 367 9.40 -8.38 -9.71
N ALA A 368 10.45 -8.21 -10.53
CA ALA A 368 10.41 -7.22 -11.60
C ALA A 368 9.37 -7.58 -12.65
N ILE A 369 9.25 -8.87 -12.97
CA ILE A 369 8.25 -9.32 -13.94
C ILE A 369 6.85 -9.00 -13.44
N ALA A 370 6.60 -9.27 -12.15
CA ALA A 370 5.30 -8.92 -11.57
C ALA A 370 5.09 -7.42 -11.56
N THR A 371 6.14 -6.65 -11.26
CA THR A 371 6.01 -5.19 -11.22
C THR A 371 5.63 -4.63 -12.58
N ASN A 372 6.25 -5.14 -13.65
CA ASN A 372 6.04 -4.57 -14.97
C ASN A 372 4.87 -5.18 -15.74
N PHE A 373 4.44 -6.40 -15.39
CA PHE A 373 3.35 -7.02 -16.13
C PHE A 373 2.30 -7.68 -15.23
N GLY A 374 2.34 -7.45 -13.92
CA GLY A 374 1.38 -8.06 -13.02
C GLY A 374 1.84 -9.42 -12.52
N TRP A 375 1.20 -9.86 -11.43
CA TRP A 375 1.52 -11.16 -10.85
C TRP A 375 1.07 -12.31 -11.76
N ASN A 376 -0.01 -12.09 -12.53
CA ASN A 376 -0.51 -13.15 -13.40
C ASN A 376 0.53 -13.56 -14.43
N THR A 377 1.35 -12.61 -14.90
CA THR A 377 2.41 -12.95 -15.85
C THR A 377 3.43 -13.89 -15.23
N ALA A 378 3.88 -13.59 -14.01
CA ALA A 378 4.85 -14.45 -13.34
C ALA A 378 4.24 -15.82 -13.04
N PHE A 379 2.97 -15.86 -12.65
CA PHE A 379 2.34 -17.15 -12.39
C PHE A 379 2.19 -17.96 -13.67
N LEU A 380 1.92 -17.29 -14.80
CA LEU A 380 1.92 -17.97 -16.09
C LEU A 380 3.29 -18.54 -16.41
N ILE A 381 4.34 -17.78 -16.13
CA ILE A 381 5.71 -18.27 -16.36
C ILE A 381 5.97 -19.53 -15.53
N THR A 382 5.57 -19.49 -14.25
CA THR A 382 5.79 -20.64 -13.38
C THR A 382 4.99 -21.85 -13.86
N ALA A 383 3.75 -21.64 -14.30
CA ALA A 383 2.95 -22.74 -14.81
C ALA A 383 3.57 -23.35 -16.05
N ILE A 384 4.10 -22.51 -16.95
CA ILE A 384 4.73 -23.00 -18.17
C ILE A 384 5.98 -23.81 -17.84
N THR A 385 6.81 -23.31 -16.92
CA THR A 385 8.01 -24.06 -16.55
C THR A 385 7.65 -25.38 -15.85
N SER A 386 6.59 -25.37 -15.04
CA SER A 386 6.15 -26.60 -14.39
C SER A 386 5.65 -27.62 -15.42
N PHE A 387 4.93 -27.15 -16.45
CA PHE A 387 4.51 -28.05 -17.52
C PHE A 387 5.71 -28.59 -18.29
N ILE A 388 6.73 -27.76 -18.50
CA ILE A 388 7.95 -28.22 -19.17
C ILE A 388 8.61 -29.32 -18.35
N ALA A 389 8.71 -29.12 -17.03
CA ALA A 389 9.30 -30.13 -16.17
C ALA A 389 8.46 -31.41 -16.16
N PHE A 390 7.14 -31.28 -16.17
CA PHE A 390 6.28 -32.45 -16.26
C PHE A 390 6.52 -33.22 -17.55
N ALA A 391 6.66 -32.50 -18.66
CA ALA A 391 6.92 -33.15 -19.94
C ALA A 391 8.27 -33.88 -19.92
N LEU A 392 9.29 -33.25 -19.34
CA LEU A 392 10.61 -33.88 -19.29
C LEU A 392 10.60 -35.12 -18.40
N ALA A 393 9.93 -35.05 -17.25
CA ALA A 393 9.96 -36.17 -16.31
C ALA A 393 9.08 -37.33 -16.76
N THR A 394 7.91 -37.02 -17.32
CA THR A 394 6.94 -38.07 -17.64
C THR A 394 7.31 -38.85 -18.90
N PHE A 395 7.89 -38.16 -19.89
CA PHE A 395 8.05 -38.74 -21.21
C PHE A 395 9.50 -38.84 -21.66
N VAL A 396 10.33 -37.86 -21.33
CA VAL A 396 11.69 -37.82 -21.87
C VAL A 396 12.60 -38.78 -21.12
N ILE A 397 12.80 -38.56 -19.82
CA ILE A 397 13.78 -39.30 -19.04
C ILE A 397 13.41 -40.75 -18.73
N PRO A 398 12.14 -41.14 -18.55
CA PRO A 398 11.88 -42.56 -18.24
C PRO A 398 12.32 -43.52 -19.34
N ARG A 399 12.31 -43.08 -20.60
CA ARG A 399 12.76 -43.88 -21.71
C ARG A 399 14.21 -43.57 -22.10
N MET A 400 14.90 -42.72 -21.35
CA MET A 400 16.27 -42.34 -21.65
C MET A 400 17.29 -43.37 -21.18
N GLY A 401 16.88 -44.33 -20.36
CA GLY A 401 17.81 -45.33 -19.87
C GLY A 401 18.72 -44.78 -18.79
N ARG A 402 19.68 -45.63 -18.39
CA ARG A 402 20.66 -45.26 -17.39
C ARG A 402 21.97 -44.85 -18.05
N PRO A 403 22.73 -43.95 -17.43
CA PRO A 403 24.01 -43.53 -18.02
C PRO A 403 24.99 -44.69 -18.09
N VAL A 404 25.82 -44.66 -19.14
CA VAL A 404 26.77 -45.72 -19.40
C VAL A 404 28.18 -45.32 -18.99
N LYS A 405 28.54 -44.05 -19.20
CA LYS A 405 29.89 -43.55 -18.91
C LYS A 405 30.96 -44.33 -19.68
N VAL B 2 -13.12 1.20 14.61
CA VAL B 2 -11.96 2.09 14.67
C VAL B 2 -12.33 3.47 14.16
N GLN B 3 -12.04 4.49 14.96
CA GLN B 3 -12.30 5.87 14.58
C GLN B 3 -11.13 6.74 15.02
N LEU B 4 -10.97 7.87 14.32
CA LEU B 4 -9.86 8.79 14.57
C LEU B 4 -10.40 10.19 14.75
N GLN B 5 -10.01 10.84 15.84
CA GLN B 5 -10.39 12.21 16.14
C GLN B 5 -9.14 13.06 16.34
N GLN B 6 -9.17 14.25 15.77
CA GLN B 6 -8.03 15.17 15.80
C GLN B 6 -8.35 16.37 16.68
N SER B 7 -7.38 17.28 16.78
CA SER B 7 -7.58 18.54 17.49
C SER B 7 -8.41 19.49 16.63
N GLY B 8 -8.83 20.59 17.24
CA GLY B 8 -9.60 21.59 16.55
C GLY B 8 -8.73 22.45 15.66
N PRO B 9 -9.36 23.42 14.99
CA PRO B 9 -8.60 24.33 14.12
C PRO B 9 -7.62 25.17 14.91
N GLU B 10 -6.50 25.50 14.27
CA GLU B 10 -5.40 26.19 14.93
C GLU B 10 -4.99 27.43 14.13
N LEU B 11 -4.88 28.56 14.83
CA LEU B 11 -4.35 29.81 14.31
C LEU B 11 -3.05 30.11 15.04
N VAL B 12 -1.95 30.26 14.28
CA VAL B 12 -0.64 30.42 14.89
C VAL B 12 0.16 31.48 14.12
N LYS B 13 0.86 32.33 14.87
CA LYS B 13 1.72 33.34 14.26
C LYS B 13 2.96 32.67 13.68
N PRO B 14 3.50 33.17 12.57
CA PRO B 14 4.64 32.50 11.92
C PRO B 14 5.84 32.38 12.84
N GLY B 15 6.53 31.25 12.74
CA GLY B 15 7.69 30.96 13.56
C GLY B 15 7.40 30.30 14.89
N ALA B 16 6.13 30.03 15.20
CA ALA B 16 5.75 29.49 16.50
C ALA B 16 5.68 27.96 16.43
N SER B 17 5.14 27.36 17.48
CA SER B 17 5.02 25.91 17.61
C SER B 17 3.58 25.49 17.38
N VAL B 18 3.39 24.40 16.63
CA VAL B 18 2.07 23.83 16.39
C VAL B 18 2.05 22.40 16.89
N LYS B 19 0.99 22.06 17.63
CA LYS B 19 0.83 20.79 18.33
C LYS B 19 -0.54 20.22 17.95
N ILE B 20 -0.56 19.09 17.25
CA ILE B 20 -1.79 18.47 16.78
C ILE B 20 -1.90 17.09 17.41
N SER B 21 -3.06 16.80 17.97
CA SER B 21 -3.33 15.51 18.60
C SER B 21 -4.27 14.67 17.74
N CYS B 22 -4.15 13.35 17.88
CA CYS B 22 -4.94 12.39 17.12
C CYS B 22 -5.29 11.22 18.03
N LYS B 23 -6.55 11.14 18.45
CA LYS B 23 -6.99 10.12 19.39
C LYS B 23 -7.51 8.89 18.66
N ALA B 24 -7.21 7.71 19.21
CA ALA B 24 -7.55 6.43 18.60
C ALA B 24 -8.41 5.61 19.56
N SER B 25 -8.80 4.42 19.09
CA SER B 25 -9.68 3.52 19.83
C SER B 25 -8.84 2.55 20.68
N VAL B 26 -9.46 1.46 21.15
CA VAL B 26 -8.86 0.63 22.20
C VAL B 26 -7.52 0.05 21.76
N ASN B 27 -7.50 -0.60 20.59
CA ASN B 27 -6.31 -1.29 20.10
C ASN B 27 -6.13 -1.04 18.61
N SER B 28 -6.42 0.18 18.17
CA SER B 28 -6.44 0.48 16.74
C SER B 28 -5.06 0.34 16.11
N PHE B 29 -4.00 0.62 16.85
CA PHE B 29 -2.65 0.53 16.33
C PHE B 29 -2.02 -0.83 16.68
N THR B 30 -2.71 -1.89 16.26
CA THR B 30 -2.26 -3.24 16.59
C THR B 30 -1.00 -3.62 15.80
N GLY B 31 -1.05 -3.51 14.48
CA GLY B 31 0.11 -3.78 13.65
C GLY B 31 0.26 -2.69 12.62
N TYR B 32 -0.06 -1.46 13.04
CA TYR B 32 -0.18 -0.33 12.13
C TYR B 32 0.71 0.81 12.61
N PHE B 33 1.26 1.54 11.65
CA PHE B 33 1.91 2.82 11.89
C PHE B 33 0.85 3.91 11.97
N VAL B 34 1.25 5.08 12.47
CA VAL B 34 0.41 6.26 12.34
C VAL B 34 1.07 7.20 11.35
N ASN B 35 0.33 7.52 10.30
CA ASN B 35 0.78 8.32 9.16
C ASN B 35 0.20 9.71 9.25
N TRP B 36 1.05 10.72 9.06
CA TRP B 36 0.64 12.11 9.05
C TRP B 36 0.86 12.66 7.64
N VAL B 37 -0.21 13.18 7.05
CA VAL B 37 -0.23 13.69 5.68
C VAL B 37 -0.83 15.09 5.74
N LYS B 38 -0.53 15.90 4.72
CA LYS B 38 -1.11 17.24 4.65
C LYS B 38 -1.76 17.47 3.30
N GLN B 39 -2.75 18.36 3.30
CA GLN B 39 -3.44 18.81 2.09
C GLN B 39 -3.35 20.33 2.05
N SER B 40 -2.79 20.85 0.95
CA SER B 40 -2.46 22.27 0.88
C SER B 40 -3.71 23.15 0.93
N HIS B 41 -4.58 23.00 -0.07
CA HIS B 41 -5.81 23.79 -0.11
C HIS B 41 -6.99 22.94 -0.56
N GLY B 42 -6.93 21.64 -0.31
CA GLY B 42 -7.97 20.73 -0.75
C GLY B 42 -7.81 20.21 -2.15
N LYS B 43 -6.60 20.26 -2.71
CA LYS B 43 -6.36 19.82 -4.07
C LYS B 43 -5.17 18.88 -4.24
N SER B 44 -4.19 18.91 -3.32
CA SER B 44 -3.00 18.08 -3.45
C SER B 44 -2.69 17.41 -2.12
N LEU B 45 -2.32 16.13 -2.19
CA LEU B 45 -1.89 15.36 -1.03
C LEU B 45 -0.38 15.17 -1.08
N GLU B 46 0.28 15.36 0.06
CA GLU B 46 1.70 15.05 0.14
C GLU B 46 2.04 14.55 1.53
N TRP B 47 2.94 13.55 1.58
CA TRP B 47 3.23 12.82 2.80
C TRP B 47 4.17 13.62 3.69
N ILE B 48 3.86 13.67 4.99
CA ILE B 48 4.72 14.34 5.96
C ILE B 48 5.59 13.29 6.64
N GLY B 49 4.96 12.35 7.34
CA GLY B 49 5.77 11.40 8.07
C GLY B 49 4.95 10.22 8.55
N ARG B 50 5.66 9.29 9.19
CA ARG B 50 5.04 8.12 9.79
C ARG B 50 5.84 7.75 11.02
N VAL B 51 5.15 7.27 12.05
CA VAL B 51 5.84 6.81 13.26
C VAL B 51 5.18 5.54 13.78
N HIS B 52 6.01 4.65 14.31
CA HIS B 52 5.60 3.40 14.92
C HIS B 52 5.04 3.66 16.31
N PRO B 53 3.83 3.19 16.62
CA PRO B 53 3.24 3.49 17.93
C PRO B 53 3.92 2.80 19.10
N TYR B 54 4.84 1.87 18.84
CA TYR B 54 5.52 1.14 19.91
C TYR B 54 7.00 1.42 19.96
N ASN B 55 7.72 1.30 18.83
CA ASN B 55 9.16 1.51 18.81
C ASN B 55 9.53 2.99 18.89
N GLY B 56 8.66 3.87 18.44
CA GLY B 56 9.02 5.26 18.28
C GLY B 56 9.84 5.55 17.03
N ASN B 57 10.05 4.55 16.18
CA ASN B 57 10.80 4.75 14.95
C ASN B 57 10.10 5.76 14.06
N THR B 58 10.86 6.74 13.59
CA THR B 58 10.32 7.86 12.83
C THR B 58 10.81 7.79 11.39
N PHE B 59 9.92 8.07 10.44
CA PHE B 59 10.29 8.20 9.05
C PHE B 59 9.66 9.47 8.51
N TYR B 60 10.48 10.35 7.94
CA TYR B 60 10.04 11.68 7.54
C TYR B 60 10.37 11.95 6.09
N ASN B 61 9.55 12.77 5.46
CA ASN B 61 9.83 13.27 4.13
C ASN B 61 10.98 14.28 4.18
N GLN B 62 11.68 14.41 3.06
CA GLN B 62 12.75 15.41 2.99
C GLN B 62 12.22 16.84 2.92
N LYS B 63 10.95 17.02 2.56
CA LYS B 63 10.35 18.36 2.61
C LYS B 63 10.32 18.87 4.04
N PHE B 64 9.86 18.03 4.98
CA PHE B 64 9.82 18.37 6.39
C PHE B 64 10.92 17.54 7.06
N LYS B 65 12.14 18.08 7.03
CA LYS B 65 13.30 17.31 7.49
C LYS B 65 13.33 17.20 9.00
N GLY B 66 13.49 18.33 9.69
CA GLY B 66 13.48 18.35 11.13
C GLY B 66 12.41 19.29 11.63
N ARG B 67 11.61 19.78 10.69
CA ARG B 67 10.50 20.66 11.04
C ARG B 67 9.48 19.94 11.91
N VAL B 68 9.27 18.64 11.68
CA VAL B 68 8.17 17.89 12.27
C VAL B 68 8.72 16.85 13.22
N THR B 69 8.01 16.64 14.32
CA THR B 69 8.29 15.55 15.26
C THR B 69 6.98 14.83 15.57
N LEU B 70 6.96 13.53 15.32
CA LEU B 70 5.80 12.69 15.60
C LEU B 70 6.07 11.85 16.84
N THR B 71 5.13 11.87 17.79
CA THR B 71 5.28 11.15 19.05
C THR B 71 3.98 10.47 19.43
N VAL B 72 4.03 9.19 19.76
CA VAL B 72 2.86 8.46 20.24
C VAL B 72 2.84 8.51 21.76
N ASP B 73 1.65 8.38 22.36
CA ASP B 73 1.49 8.64 23.78
C ASP B 73 1.81 7.45 24.68
N ARG B 74 2.18 6.30 24.11
CA ARG B 74 2.60 5.06 24.76
C ARG B 74 1.38 4.29 25.35
N SER B 75 0.19 4.87 25.38
CA SER B 75 -1.00 4.07 25.65
C SER B 75 -1.68 3.60 24.37
N SER B 76 -1.07 3.89 23.22
CA SER B 76 -1.63 3.55 21.90
C SER B 76 -3.03 4.11 21.75
N THR B 77 -3.22 5.34 22.24
CA THR B 77 -4.50 6.03 22.13
C THR B 77 -4.42 7.35 21.39
N THR B 78 -3.30 8.05 21.43
CA THR B 78 -3.17 9.29 20.67
C THR B 78 -1.74 9.46 20.18
N ALA B 79 -1.63 10.18 19.06
CA ALA B 79 -0.36 10.53 18.44
C ALA B 79 -0.34 12.03 18.19
N HIS B 80 0.85 12.62 18.29
CA HIS B 80 1.01 14.06 18.22
C HIS B 80 1.99 14.41 17.11
N MET B 81 1.64 15.44 16.35
CA MET B 81 2.51 16.05 15.36
C MET B 81 2.85 17.46 15.84
N GLU B 82 4.15 17.73 15.97
CA GLU B 82 4.63 19.05 16.38
C GLU B 82 5.51 19.62 15.29
N LEU B 83 5.15 20.80 14.79
CA LEU B 83 5.95 21.46 13.77
C LEU B 83 6.40 22.83 14.30
N LEU B 84 7.60 23.25 13.89
CA LEU B 84 8.30 24.32 14.60
C LEU B 84 8.91 25.42 13.73
N SER B 85 8.87 25.30 12.40
CA SER B 85 9.49 26.31 11.55
C SER B 85 8.47 26.96 10.62
N LEU B 86 7.36 27.41 11.20
CA LEU B 86 6.20 27.85 10.43
C LEU B 86 6.55 28.94 9.43
N THR B 87 6.09 28.76 8.19
CA THR B 87 6.23 29.75 7.12
C THR B 87 4.90 29.81 6.38
N SER B 88 4.89 30.51 5.24
CA SER B 88 3.63 30.79 4.55
C SER B 88 2.98 29.52 4.00
N GLU B 89 3.78 28.59 3.46
CA GLU B 89 3.23 27.38 2.86
C GLU B 89 2.86 26.31 3.87
N ASP B 90 2.96 26.60 5.16
CA ASP B 90 2.55 25.64 6.19
C ASP B 90 1.07 25.70 6.50
N SER B 91 0.34 26.67 5.95
CA SER B 91 -1.11 26.75 6.14
C SER B 91 -1.77 25.66 5.31
N ALA B 92 -2.39 24.70 5.98
CA ALA B 92 -2.94 23.52 5.30
C ALA B 92 -3.77 22.74 6.30
N VAL B 93 -4.37 21.65 5.84
CA VAL B 93 -5.11 20.74 6.71
C VAL B 93 -4.31 19.46 6.87
N TYR B 94 -4.13 19.03 8.12
CA TYR B 94 -3.29 17.89 8.46
C TYR B 94 -4.16 16.72 8.88
N TYR B 95 -3.87 15.55 8.33
CA TYR B 95 -4.61 14.32 8.55
C TYR B 95 -3.73 13.28 9.20
N CYS B 96 -4.27 12.60 10.20
CA CYS B 96 -3.67 11.42 10.80
C CYS B 96 -4.46 10.20 10.36
N GLY B 97 -3.76 9.12 10.08
CA GLY B 97 -4.41 7.88 9.69
C GLY B 97 -3.63 6.68 10.17
N ARG B 98 -4.30 5.54 10.17
CA ARG B 98 -3.63 4.28 10.47
C ARG B 98 -3.12 3.68 9.16
N ARG B 99 -1.86 3.24 9.16
CA ARG B 99 -1.15 2.88 7.95
C ARG B 99 -0.51 1.51 8.12
N ASP B 100 -0.99 0.51 7.39
CA ASP B 100 -0.44 -0.84 7.50
C ASP B 100 0.89 -0.90 6.76
N ASP B 101 1.46 -2.11 6.66
CA ASP B 101 2.79 -2.28 6.10
C ASP B 101 2.87 -1.88 4.63
N TYR B 102 1.72 -1.80 3.95
CA TYR B 102 1.68 -1.50 2.52
C TYR B 102 1.34 -0.03 2.26
N ASP B 103 1.51 0.83 3.26
CA ASP B 103 1.22 2.26 3.19
C ASP B 103 -0.25 2.56 2.94
N THR B 104 -1.11 1.55 2.98
CA THR B 104 -2.54 1.79 2.87
C THR B 104 -3.06 2.41 4.16
N MET B 105 -3.75 3.53 4.04
CA MET B 105 -4.31 4.21 5.20
C MET B 105 -5.77 3.79 5.34
N ASP B 106 -6.01 2.83 6.25
CA ASP B 106 -7.35 2.28 6.41
C ASP B 106 -8.33 3.33 6.91
N TYR B 107 -7.96 4.04 7.98
CA TYR B 107 -8.86 4.99 8.62
C TYR B 107 -8.14 6.32 8.84
N TRP B 108 -8.85 7.39 8.54
CA TRP B 108 -8.36 8.76 8.63
C TRP B 108 -9.09 9.51 9.74
N GLY B 109 -8.63 10.74 10.00
CA GLY B 109 -9.30 11.65 10.88
C GLY B 109 -9.99 12.76 10.10
N GLN B 110 -10.85 13.51 10.79
CA GLN B 110 -11.57 14.58 10.12
C GLN B 110 -10.64 15.67 9.61
N GLY B 111 -9.45 15.78 10.18
CA GLY B 111 -8.48 16.76 9.74
C GLY B 111 -8.42 17.94 10.69
N THR B 112 -7.24 18.57 10.74
CA THR B 112 -7.03 19.77 11.55
C THR B 112 -6.49 20.87 10.65
N SER B 113 -7.22 21.97 10.54
CA SER B 113 -6.80 23.09 9.71
C SER B 113 -5.90 24.01 10.51
N VAL B 114 -4.65 24.16 10.06
CA VAL B 114 -3.67 25.01 10.71
C VAL B 114 -3.34 26.16 9.76
N THR B 115 -3.47 27.39 10.26
CA THR B 115 -3.19 28.57 9.46
C THR B 115 -2.19 29.46 10.18
N VAL B 116 -1.17 29.90 9.44
CA VAL B 116 -0.17 30.84 9.92
C VAL B 116 -0.59 32.24 9.50
N SER B 117 -0.73 33.13 10.48
CA SER B 117 -1.25 34.47 10.22
C SER B 117 -0.64 35.45 11.20
N SER B 118 0.12 36.42 10.67
CA SER B 118 0.64 37.48 11.52
C SER B 118 -0.47 38.31 12.15
N ALA B 119 -1.65 38.34 11.52
CA ALA B 119 -2.79 39.07 12.07
C ALA B 119 -3.34 38.34 13.30
N LYS B 120 -4.34 38.95 13.92
CA LYS B 120 -4.96 38.44 15.13
C LYS B 120 -6.43 38.18 14.88
N THR B 121 -7.02 37.33 15.74
CA THR B 121 -8.40 36.91 15.55
C THR B 121 -9.35 38.10 15.64
N THR B 122 -10.30 38.14 14.72
CA THR B 122 -11.26 39.22 14.53
C THR B 122 -12.69 38.67 14.58
N PRO B 123 -13.62 39.35 15.24
CA PRO B 123 -15.01 38.92 15.20
C PRO B 123 -15.67 39.29 13.88
N PRO B 124 -16.77 38.63 13.52
CA PRO B 124 -17.42 38.90 12.24
C PRO B 124 -18.50 39.96 12.32
N SER B 125 -18.65 40.68 11.21
CA SER B 125 -19.73 41.65 11.03
C SER B 125 -20.80 41.01 10.15
N VAL B 126 -21.96 40.76 10.73
CA VAL B 126 -23.05 40.05 10.05
C VAL B 126 -24.13 41.04 9.66
N TYR B 127 -24.54 41.00 8.39
CA TYR B 127 -25.50 41.94 7.84
C TYR B 127 -26.58 41.20 7.07
N PRO B 128 -27.78 41.77 6.98
CA PRO B 128 -28.85 41.11 6.22
C PRO B 128 -28.88 41.55 4.76
N LEU B 129 -29.58 40.75 3.96
CA LEU B 129 -29.70 40.98 2.52
C LEU B 129 -31.13 40.68 2.12
N ALA B 130 -31.89 41.73 1.81
CA ALA B 130 -33.28 41.65 1.38
C ALA B 130 -33.45 42.39 0.06
N PRO B 131 -34.44 42.01 -0.75
CA PRO B 131 -34.57 42.65 -2.07
C PRO B 131 -34.86 44.14 -1.99
N GLY B 132 -35.90 44.54 -1.28
CA GLY B 132 -36.29 45.93 -1.20
C GLY B 132 -37.63 46.17 -1.89
N CYS B 133 -37.96 47.46 -2.01
CA CYS B 133 -39.25 47.85 -2.58
C CYS B 133 -39.22 47.93 -4.11
N GLY B 134 -38.06 47.69 -4.74
CA GLY B 134 -37.99 47.81 -6.19
C GLY B 134 -38.88 46.80 -6.88
N ASP B 135 -38.84 45.55 -6.44
CA ASP B 135 -39.67 44.50 -7.02
C ASP B 135 -40.19 43.62 -5.88
N THR B 136 -41.51 43.45 -5.82
CA THR B 136 -42.15 42.57 -4.85
C THR B 136 -42.69 41.29 -5.48
N THR B 137 -43.08 41.33 -6.75
CA THR B 137 -43.66 40.17 -7.40
C THR B 137 -42.61 39.07 -7.60
N GLY B 138 -43.08 37.84 -7.68
CA GLY B 138 -42.22 36.70 -7.89
C GLY B 138 -42.80 35.45 -7.26
N SER B 139 -42.56 34.31 -7.92
CA SER B 139 -43.00 33.03 -7.37
C SER B 139 -42.21 32.68 -6.11
N SER B 140 -40.93 33.00 -6.09
CA SER B 140 -40.08 32.72 -4.93
C SER B 140 -39.23 33.94 -4.62
N VAL B 141 -38.89 34.09 -3.34
CA VAL B 141 -38.03 35.15 -2.86
C VAL B 141 -36.70 34.54 -2.47
N THR B 142 -35.64 35.33 -2.58
CA THR B 142 -34.31 34.92 -2.14
C THR B 142 -33.76 35.97 -1.19
N LEU B 143 -33.13 35.51 -0.12
CA LEU B 143 -32.62 36.36 0.94
C LEU B 143 -31.20 35.94 1.26
N GLY B 144 -30.49 36.77 2.02
CA GLY B 144 -29.11 36.46 2.31
C GLY B 144 -28.63 36.99 3.65
N CYS B 145 -27.55 36.40 4.13
CA CYS B 145 -26.79 36.93 5.26
C CYS B 145 -25.33 37.02 4.84
N LEU B 146 -24.75 38.21 5.00
CA LEU B 146 -23.40 38.51 4.54
C LEU B 146 -22.50 38.69 5.76
N VAL B 147 -21.45 37.89 5.85
CA VAL B 147 -20.49 37.93 6.95
C VAL B 147 -19.21 38.56 6.42
N LYS B 148 -18.72 39.59 7.10
CA LYS B 148 -17.61 40.38 6.58
C LYS B 148 -16.61 40.69 7.68
N GLY B 149 -15.32 40.64 7.33
CA GLY B 149 -14.28 41.18 8.18
C GLY B 149 -13.76 40.26 9.26
N TYR B 150 -14.08 38.97 9.21
CA TYR B 150 -13.72 38.07 10.28
C TYR B 150 -12.37 37.40 10.04
N PHE B 151 -11.88 36.72 11.08
CA PHE B 151 -10.67 35.92 11.09
C PHE B 151 -10.68 35.13 12.40
N PRO B 152 -10.43 33.82 12.39
CA PRO B 152 -10.07 32.92 11.28
C PRO B 152 -11.26 32.42 10.45
N GLU B 153 -11.00 31.45 9.58
CA GLU B 153 -11.91 31.16 8.47
C GLU B 153 -13.20 30.46 8.91
N SER B 154 -13.14 29.63 9.95
CA SER B 154 -14.24 28.72 10.25
C SER B 154 -15.45 29.49 10.80
N VAL B 155 -16.49 29.63 9.97
CA VAL B 155 -17.80 30.12 10.41
C VAL B 155 -18.88 29.21 9.86
N THR B 156 -20.00 29.14 10.56
CA THR B 156 -21.14 28.33 10.15
C THR B 156 -22.40 29.19 10.17
N VAL B 157 -23.12 29.19 9.05
CA VAL B 157 -24.36 29.97 8.93
C VAL B 157 -25.53 29.00 8.77
N THR B 158 -26.52 29.14 9.65
CA THR B 158 -27.72 28.33 9.63
C THR B 158 -28.90 29.22 9.28
N TRP B 159 -29.93 28.63 8.68
CA TRP B 159 -31.11 29.38 8.26
C TRP B 159 -32.34 28.73 8.86
N ASN B 160 -33.12 29.51 9.61
CA ASN B 160 -34.29 29.01 10.30
C ASN B 160 -35.57 29.49 9.60
N SER B 166 -32.38 24.15 3.71
CA SER B 166 -32.59 23.16 2.65
C SER B 166 -32.20 23.70 1.30
N SER B 167 -32.67 24.92 0.99
CA SER B 167 -32.35 25.60 -0.26
C SER B 167 -31.20 26.57 -0.10
N VAL B 168 -30.32 26.34 0.88
CA VAL B 168 -29.26 27.28 1.20
C VAL B 168 -28.08 27.09 0.26
N HIS B 169 -27.37 28.19 0.02
CA HIS B 169 -26.13 28.21 -0.76
C HIS B 169 -25.13 29.00 0.08
N THR B 170 -24.11 28.32 0.58
CA THR B 170 -23.05 28.94 1.35
C THR B 170 -21.85 29.16 0.44
N PHE B 171 -21.38 30.40 0.35
CA PHE B 171 -20.32 30.58 -0.63
C PHE B 171 -18.96 30.58 0.06
N PRO B 172 -17.94 30.03 -0.59
CA PRO B 172 -16.62 29.94 0.04
C PRO B 172 -16.07 31.30 0.43
N ALA B 173 -15.39 31.34 1.57
CA ALA B 173 -14.81 32.58 2.05
C ALA B 173 -13.68 33.05 1.15
N LEU B 174 -13.50 34.35 1.08
CA LEU B 174 -12.45 34.97 0.28
C LEU B 174 -11.65 35.93 1.13
N LEU B 175 -10.41 36.16 0.72
CA LEU B 175 -9.50 37.06 1.42
C LEU B 175 -9.47 38.39 0.70
N GLN B 176 -9.98 39.43 1.36
CA GLN B 176 -9.96 40.81 0.87
C GLN B 176 -9.07 41.61 1.80
N SER B 177 -7.84 41.86 1.34
CA SER B 177 -6.88 42.73 2.04
C SER B 177 -6.73 42.35 3.51
N GLY B 178 -6.58 41.05 3.77
CA GLY B 178 -6.39 40.57 5.12
C GLY B 178 -7.65 40.35 5.92
N LEU B 179 -8.83 40.35 5.28
CA LEU B 179 -10.07 40.05 5.95
C LEU B 179 -10.78 38.90 5.24
N TYR B 180 -11.65 38.21 5.96
CA TYR B 180 -12.43 37.12 5.40
C TYR B 180 -13.84 37.62 5.09
N THR B 181 -14.29 37.39 3.86
CA THR B 181 -15.64 37.76 3.44
C THR B 181 -16.38 36.54 2.94
N MET B 182 -17.65 36.43 3.30
CA MET B 182 -18.44 35.23 3.06
C MET B 182 -19.90 35.64 2.90
N SER B 183 -20.61 34.91 2.07
CA SER B 183 -22.03 35.19 1.84
C SER B 183 -22.82 33.90 1.90
N SER B 184 -24.06 33.99 2.37
CA SER B 184 -24.97 32.86 2.34
C SER B 184 -26.32 33.32 1.84
N SER B 185 -26.97 32.48 1.02
CA SER B 185 -28.26 32.83 0.44
C SER B 185 -29.24 31.68 0.66
N VAL B 186 -30.48 32.03 0.97
CA VAL B 186 -31.55 31.04 1.10
C VAL B 186 -32.69 31.45 0.18
N THR B 187 -33.20 30.50 -0.58
CA THR B 187 -34.33 30.73 -1.48
C THR B 187 -35.56 30.07 -0.89
N VAL B 188 -36.60 30.86 -0.65
CA VAL B 188 -37.83 30.38 -0.04
C VAL B 188 -38.98 30.74 -0.96
N PRO B 189 -40.11 30.05 -0.84
CA PRO B 189 -41.31 30.47 -1.58
C PRO B 189 -41.76 31.86 -1.14
N SER B 190 -42.38 32.58 -2.07
CA SER B 190 -42.85 33.94 -1.78
C SER B 190 -43.94 33.95 -0.71
N SER B 191 -44.64 32.83 -0.52
CA SER B 191 -45.65 32.76 0.54
C SER B 191 -45.01 32.80 1.93
N THR B 192 -43.78 32.31 2.04
CA THR B 192 -43.12 32.23 3.35
C THR B 192 -42.74 33.61 3.87
N TRP B 193 -42.25 34.49 2.99
CA TRP B 193 -41.77 35.80 3.41
C TRP B 193 -42.67 36.91 2.90
N PRO B 194 -42.96 37.93 3.72
CA PRO B 194 -42.57 38.05 5.13
C PRO B 194 -43.56 37.38 6.07
N SER B 195 -44.36 36.45 5.55
CA SER B 195 -45.49 35.90 6.30
C SER B 195 -45.05 35.08 7.51
N GLN B 196 -43.86 34.47 7.46
CA GLN B 196 -43.39 33.62 8.54
C GLN B 196 -41.98 34.00 8.93
N THR B 197 -41.68 33.89 10.22
CA THR B 197 -40.38 34.27 10.75
C THR B 197 -39.27 33.44 10.13
N VAL B 198 -38.22 34.12 9.64
CA VAL B 198 -37.06 33.47 9.05
C VAL B 198 -35.82 34.16 9.61
N THR B 199 -35.03 33.43 10.39
CA THR B 199 -33.83 33.98 11.03
C THR B 199 -32.60 33.25 10.53
N CYS B 200 -31.49 33.97 10.40
CA CYS B 200 -30.20 33.37 10.09
C CYS B 200 -29.31 33.45 11.33
N SER B 201 -28.70 32.33 11.69
CA SER B 201 -27.84 32.22 12.85
C SER B 201 -26.41 32.04 12.36
N VAL B 202 -25.59 33.06 12.55
CA VAL B 202 -24.18 33.02 12.16
C VAL B 202 -23.36 32.74 13.41
N ALA B 203 -22.59 31.66 13.38
CA ALA B 203 -21.74 31.26 14.50
C ALA B 203 -20.29 31.29 14.06
N HIS B 204 -19.46 32.01 14.82
CA HIS B 204 -18.01 32.09 14.62
C HIS B 204 -17.40 31.63 15.93
N PRO B 205 -17.08 30.34 16.06
CA PRO B 205 -16.72 29.80 17.38
C PRO B 205 -15.33 30.16 17.85
N ALA B 206 -14.43 30.60 16.96
CA ALA B 206 -13.10 31.00 17.40
C ALA B 206 -13.16 32.20 18.33
N SER B 207 -13.99 33.19 18.01
CA SER B 207 -14.28 34.30 18.91
C SER B 207 -15.54 34.05 19.73
N SER B 208 -16.19 32.89 19.55
CA SER B 208 -17.41 32.53 20.29
C SER B 208 -18.50 33.59 20.13
N THR B 209 -18.82 33.90 18.88
CA THR B 209 -19.82 34.92 18.56
C THR B 209 -20.94 34.28 17.75
N THR B 210 -22.12 34.15 18.35
CA THR B 210 -23.31 33.66 17.66
C THR B 210 -24.33 34.80 17.60
N VAL B 211 -24.78 35.12 16.38
CA VAL B 211 -25.68 36.23 16.15
C VAL B 211 -26.86 35.75 15.33
N ASP B 212 -28.07 36.09 15.78
CA ASP B 212 -29.29 35.83 15.03
C ASP B 212 -29.74 37.13 14.37
N LYS B 213 -29.98 37.07 13.06
CA LYS B 213 -30.51 38.21 12.32
C LYS B 213 -31.84 37.83 11.67
N LYS B 214 -32.86 38.64 11.94
CA LYS B 214 -34.17 38.50 11.34
C LYS B 214 -34.25 39.40 10.13
N LEU B 215 -34.74 38.86 9.02
CA LEU B 215 -34.77 39.58 7.75
C LEU B 215 -36.19 40.10 7.51
N GLU B 216 -36.33 41.43 7.52
CA GLU B 216 -37.59 42.11 7.32
C GLU B 216 -37.54 42.98 6.08
N PRO B 217 -38.70 43.35 5.51
CA PRO B 217 -38.70 44.05 4.22
C PRO B 217 -37.89 45.34 4.23
N SER B 218 -37.23 45.59 3.10
CA SER B 218 -36.44 46.80 2.92
C SER B 218 -37.02 47.65 1.79
N ASP C 1 11.84 11.44 -6.33
CA ASP C 1 10.82 10.46 -5.96
C ASP C 1 10.15 9.88 -7.20
N ILE C 2 8.92 9.40 -7.05
CA ILE C 2 8.11 8.87 -8.13
C ILE C 2 6.93 9.81 -8.32
N VAL C 3 6.84 10.41 -9.51
CA VAL C 3 5.81 11.39 -9.81
C VAL C 3 4.62 10.69 -10.46
N MET C 4 3.44 10.89 -9.90
CA MET C 4 2.21 10.30 -10.41
C MET C 4 1.29 11.39 -10.93
N THR C 5 0.86 11.25 -12.18
CA THR C 5 -0.05 12.19 -12.81
C THR C 5 -1.37 11.48 -13.08
N GLN C 6 -2.46 12.09 -12.65
CA GLN C 6 -3.80 11.55 -12.83
C GLN C 6 -4.52 12.32 -13.93
N SER C 7 -5.02 11.60 -14.93
CA SER C 7 -5.68 12.23 -16.06
C SER C 7 -7.05 11.61 -16.27
N PRO C 8 -8.09 12.43 -16.50
CA PRO C 8 -8.00 13.90 -16.48
C PRO C 8 -8.06 14.47 -15.07
N ALA C 9 -7.62 15.72 -14.90
CA ALA C 9 -7.65 16.35 -13.59
C ALA C 9 -9.08 16.69 -13.16
N ILE C 10 -9.87 17.22 -14.08
CA ILE C 10 -11.28 17.52 -13.84
C ILE C 10 -12.09 16.90 -14.99
N MET C 11 -13.16 16.18 -14.65
CA MET C 11 -13.96 15.51 -15.66
C MET C 11 -15.44 15.57 -15.27
N SER C 12 -16.29 15.55 -16.29
CA SER C 12 -17.73 15.58 -16.11
C SER C 12 -18.34 14.39 -16.85
N ALA C 13 -19.10 13.57 -16.13
CA ALA C 13 -19.75 12.41 -16.70
C ALA C 13 -21.24 12.42 -16.34
N SER C 14 -22.07 12.06 -17.32
CA SER C 14 -23.50 12.00 -17.08
C SER C 14 -23.85 10.88 -16.11
N LEU C 15 -24.96 11.05 -15.41
CA LEU C 15 -25.41 10.04 -14.47
C LEU C 15 -25.77 8.75 -15.21
N GLY C 16 -25.29 7.63 -14.69
CA GLY C 16 -25.51 6.35 -15.32
C GLY C 16 -24.46 5.94 -16.33
N GLU C 17 -23.50 6.81 -16.64
CA GLU C 17 -22.47 6.52 -17.63
C GLU C 17 -21.34 5.69 -17.00
N ARG C 18 -20.43 5.24 -17.86
CA ARG C 18 -19.25 4.50 -17.42
C ARG C 18 -18.07 5.45 -17.32
N VAL C 19 -17.40 5.44 -16.17
CA VAL C 19 -16.35 6.39 -15.84
C VAL C 19 -15.04 5.64 -15.68
N THR C 20 -13.99 6.13 -16.36
CA THR C 20 -12.65 5.58 -16.25
C THR C 20 -11.66 6.72 -16.10
N MET C 21 -10.78 6.62 -15.12
CA MET C 21 -9.69 7.57 -14.94
C MET C 21 -8.39 6.82 -14.73
N THR C 22 -7.28 7.42 -15.14
CA THR C 22 -5.99 6.76 -15.16
C THR C 22 -5.01 7.48 -14.24
N CYS C 23 -4.10 6.72 -13.66
CA CYS C 23 -3.04 7.24 -12.80
C CYS C 23 -1.71 6.67 -13.29
N THR C 24 -0.91 7.52 -13.95
CA THR C 24 0.35 7.10 -14.54
C THR C 24 1.50 7.56 -13.65
N ALA C 25 2.44 6.65 -13.40
CA ALA C 25 3.59 6.91 -12.55
C ALA C 25 4.85 7.02 -13.39
N SER C 26 5.84 7.74 -12.85
CA SER C 26 7.11 7.93 -13.56
C SER C 26 7.83 6.60 -13.75
N SER C 27 7.88 5.78 -12.71
CA SER C 27 8.51 4.47 -12.74
C SER C 27 7.45 3.40 -12.63
N SER C 28 7.89 2.14 -12.73
CA SER C 28 6.98 1.02 -12.49
C SER C 28 6.65 0.92 -11.01
N VAL C 29 5.39 0.59 -10.71
CA VAL C 29 4.92 0.40 -9.35
C VAL C 29 4.42 -1.02 -9.21
N THR C 30 4.87 -1.71 -8.16
CA THR C 30 4.35 -3.04 -7.89
C THR C 30 2.89 -2.94 -7.46
N SER C 31 2.03 -3.75 -8.09
CA SER C 31 0.59 -3.56 -7.99
C SER C 31 0.08 -3.65 -6.55
N SER C 32 0.82 -4.30 -5.66
CA SER C 32 0.42 -4.41 -4.27
C SER C 32 0.58 -3.09 -3.51
N TYR C 33 1.26 -2.10 -4.10
CA TYR C 33 1.66 -0.90 -3.38
C TYR C 33 1.04 0.36 -3.98
N LEU C 34 -0.02 0.23 -4.76
CA LEU C 34 -0.72 1.37 -5.33
C LEU C 34 -2.19 1.30 -4.93
N HIS C 35 -2.68 2.37 -4.31
CA HIS C 35 -4.02 2.40 -3.76
C HIS C 35 -4.75 3.64 -4.26
N TRP C 36 -6.06 3.67 -4.06
CA TRP C 36 -6.88 4.80 -4.44
C TRP C 36 -7.67 5.29 -3.22
N TYR C 37 -7.71 6.61 -3.06
CA TYR C 37 -8.47 7.25 -2.01
C TYR C 37 -9.50 8.19 -2.62
N GLN C 38 -10.72 8.15 -2.10
CA GLN C 38 -11.80 9.02 -2.55
C GLN C 38 -12.12 10.04 -1.47
N GLN C 39 -12.07 11.32 -1.82
CA GLN C 39 -12.33 12.41 -0.88
C GLN C 39 -13.55 13.20 -1.32
N ARG C 40 -14.55 13.25 -0.45
CA ARG C 40 -15.68 14.12 -0.69
C ARG C 40 -15.25 15.58 -0.51
N PRO C 41 -15.95 16.52 -1.14
CA PRO C 41 -15.50 17.93 -1.06
C PRO C 41 -15.40 18.46 0.36
N GLY C 42 -16.31 18.10 1.24
CA GLY C 42 -16.29 18.62 2.59
C GLY C 42 -15.65 17.72 3.63
N SER C 43 -15.45 16.46 3.28
CA SER C 43 -15.02 15.45 4.25
C SER C 43 -13.54 15.12 4.08
N SER C 44 -13.08 14.19 4.91
CA SER C 44 -11.70 13.72 4.87
C SER C 44 -11.53 12.64 3.80
N PRO C 45 -10.30 12.38 3.37
CA PRO C 45 -10.07 11.28 2.42
C PRO C 45 -10.51 9.96 3.00
N LYS C 46 -11.02 9.09 2.13
CA LYS C 46 -11.47 7.75 2.52
C LYS C 46 -10.80 6.71 1.63
N LEU C 47 -10.38 5.61 2.24
CA LEU C 47 -9.83 4.50 1.49
C LEU C 47 -10.88 3.93 0.56
N TRP C 48 -10.53 3.79 -0.72
CA TRP C 48 -11.47 3.28 -1.71
C TRP C 48 -11.01 1.98 -2.35
N ILE C 49 -9.81 1.92 -2.88
CA ILE C 49 -9.25 0.72 -3.46
C ILE C 49 -7.83 0.54 -2.93
N TYR C 50 -7.52 -0.65 -2.45
CA TYR C 50 -6.19 -0.95 -1.94
C TYR C 50 -5.59 -2.08 -2.74
N SER C 51 -4.29 -1.95 -3.05
CA SER C 51 -3.55 -2.91 -3.86
C SER C 51 -4.16 -3.07 -5.26
N THR C 52 -4.70 -1.96 -5.78
CA THR C 52 -5.06 -1.79 -7.19
C THR C 52 -6.31 -2.56 -7.59
N SER C 53 -6.78 -3.47 -6.75
CA SER C 53 -7.88 -4.30 -7.21
C SER C 53 -9.03 -4.37 -6.22
N ASN C 54 -8.74 -4.36 -4.92
CA ASN C 54 -9.71 -4.75 -3.90
C ASN C 54 -10.34 -3.51 -3.29
N LEU C 55 -11.66 -3.53 -3.16
CA LEU C 55 -12.41 -2.42 -2.59
C LEU C 55 -12.36 -2.48 -1.06
N ALA C 56 -12.32 -1.31 -0.44
CA ALA C 56 -12.29 -1.22 1.02
C ALA C 56 -13.65 -1.59 1.59
N SER C 57 -13.73 -1.60 2.92
CA SER C 57 -14.99 -1.92 3.59
C SER C 57 -16.03 -0.84 3.29
N GLY C 58 -17.24 -1.29 3.01
CA GLY C 58 -18.32 -0.37 2.68
C GLY C 58 -18.15 0.39 1.38
N VAL C 59 -17.73 -0.29 0.32
CA VAL C 59 -17.56 0.30 -0.99
C VAL C 59 -18.47 -0.43 -1.97
N PRO C 60 -19.29 0.27 -2.74
CA PRO C 60 -20.13 -0.41 -3.73
C PRO C 60 -19.31 -1.14 -4.78
N GLY C 61 -19.86 -2.25 -5.27
CA GLY C 61 -19.17 -3.11 -6.21
C GLY C 61 -19.07 -2.58 -7.63
N ARG C 62 -19.74 -1.47 -7.94
CA ARG C 62 -19.62 -0.87 -9.27
C ARG C 62 -18.24 -0.28 -9.52
N PHE C 63 -17.42 -0.13 -8.48
CA PHE C 63 -16.07 0.43 -8.61
C PHE C 63 -15.09 -0.66 -8.99
N SER C 64 -14.34 -0.42 -10.07
CA SER C 64 -13.34 -1.36 -10.55
C SER C 64 -11.96 -0.71 -10.54
N GLY C 65 -10.95 -1.55 -10.33
CA GLY C 65 -9.58 -1.08 -10.37
C GLY C 65 -8.67 -2.04 -11.10
N ARG C 66 -8.03 -1.57 -12.15
CA ARG C 66 -7.04 -2.36 -12.90
C ARG C 66 -5.72 -1.59 -12.94
N GLY C 67 -4.74 -2.20 -13.61
CA GLY C 67 -3.46 -1.54 -13.84
C GLY C 67 -2.27 -2.37 -13.41
N SER C 68 -1.15 -2.17 -14.11
CA SER C 68 0.12 -2.79 -13.78
C SER C 68 1.23 -1.98 -14.43
N GLY C 69 2.44 -2.15 -13.92
CA GLY C 69 3.58 -1.43 -14.46
C GLY C 69 3.59 0.04 -14.10
N THR C 70 3.36 0.91 -15.09
CA THR C 70 3.40 2.34 -14.88
C THR C 70 2.05 3.01 -14.98
N SER C 71 1.00 2.29 -15.42
CA SER C 71 -0.32 2.87 -15.61
C SER C 71 -1.35 2.09 -14.79
N TYR C 72 -2.26 2.83 -14.17
CA TYR C 72 -3.32 2.24 -13.35
C TYR C 72 -4.63 3.00 -13.61
N SER C 73 -5.73 2.27 -13.54
CA SER C 73 -7.04 2.85 -13.85
C SER C 73 -8.08 2.45 -12.80
N LEU C 74 -8.89 3.43 -12.42
CA LEU C 74 -10.08 3.20 -11.61
C LEU C 74 -11.31 3.39 -12.50
N THR C 75 -12.21 2.40 -12.49
CA THR C 75 -13.37 2.41 -13.37
C THR C 75 -14.65 2.26 -12.56
N ILE C 76 -15.67 3.03 -12.95
CA ILE C 76 -17.01 2.92 -12.40
C ILE C 76 -17.92 2.45 -13.52
N SER C 77 -18.62 1.33 -13.29
CA SER C 77 -19.50 0.78 -14.31
C SER C 77 -20.68 1.72 -14.60
N SER C 78 -21.38 2.14 -13.56
CA SER C 78 -22.52 3.06 -13.69
C SER C 78 -22.30 4.25 -12.77
N MET C 79 -22.20 5.44 -13.35
CA MET C 79 -22.01 6.64 -12.56
C MET C 79 -23.23 6.91 -11.69
N GLU C 80 -22.98 7.32 -10.45
CA GLU C 80 -24.05 7.67 -9.53
C GLU C 80 -23.75 9.02 -8.89
N ALA C 81 -24.78 9.61 -8.29
CA ALA C 81 -24.63 10.90 -7.64
C ALA C 81 -23.67 10.82 -6.46
N GLU C 82 -23.73 9.74 -5.70
CA GLU C 82 -22.84 9.55 -4.55
C GLU C 82 -21.39 9.34 -4.96
N ASP C 83 -21.12 9.08 -6.24
CA ASP C 83 -19.76 8.83 -6.71
C ASP C 83 -19.00 10.11 -7.05
N ALA C 84 -19.65 11.27 -7.02
CA ALA C 84 -19.02 12.53 -7.39
C ALA C 84 -18.10 12.99 -6.27
N ALA C 85 -16.80 12.85 -6.47
CA ALA C 85 -15.82 13.24 -5.46
C ALA C 85 -14.47 13.42 -6.18
N THR C 86 -13.39 13.47 -5.41
CA THR C 86 -12.04 13.50 -5.93
C THR C 86 -11.34 12.19 -5.60
N TYR C 87 -10.55 11.67 -6.55
CA TYR C 87 -9.88 10.38 -6.41
C TYR C 87 -8.37 10.58 -6.50
N TYR C 88 -7.65 10.09 -5.49
CA TYR C 88 -6.21 10.20 -5.43
C TYR C 88 -5.61 8.80 -5.45
N CYS C 89 -4.67 8.57 -6.37
CA CYS C 89 -3.90 7.34 -6.33
C CYS C 89 -2.70 7.54 -5.41
N HIS C 90 -2.21 6.42 -4.87
CA HIS C 90 -1.19 6.47 -3.82
C HIS C 90 -0.22 5.33 -4.06
N GLN C 91 1.07 5.65 -4.22
CA GLN C 91 2.08 4.66 -4.54
C GLN C 91 3.06 4.51 -3.38
N TYR C 92 3.53 3.29 -3.17
CA TYR C 92 4.58 3.02 -2.20
C TYR C 92 5.58 2.01 -2.75
N HIS C 93 5.87 2.11 -4.06
CA HIS C 93 6.90 1.25 -4.64
C HIS C 93 8.25 1.49 -3.97
N ARG C 94 8.60 2.76 -3.75
CA ARG C 94 9.84 3.13 -3.10
C ARG C 94 9.58 4.33 -2.20
N SER C 95 10.30 4.39 -1.09
CA SER C 95 10.22 5.56 -0.23
C SER C 95 10.86 6.75 -0.93
N PRO C 96 10.28 7.96 -0.80
CA PRO C 96 9.06 8.27 -0.05
C PRO C 96 7.78 8.00 -0.84
N PRO C 97 6.67 7.77 -0.14
CA PRO C 97 5.38 7.68 -0.83
C PRO C 97 4.99 9.01 -1.44
N THR C 98 4.28 8.95 -2.56
CA THR C 98 3.76 10.13 -3.23
C THR C 98 2.32 9.88 -3.63
N PHE C 99 1.59 10.98 -3.83
CA PHE C 99 0.19 10.95 -4.20
C PHE C 99 -0.01 11.58 -5.57
N GLY C 100 -1.08 11.18 -6.24
CA GLY C 100 -1.41 11.75 -7.53
C GLY C 100 -2.01 13.13 -7.42
N GLY C 101 -2.22 13.75 -8.58
CA GLY C 101 -2.77 15.08 -8.63
C GLY C 101 -4.25 15.17 -8.36
N GLY C 102 -4.94 14.03 -8.28
CA GLY C 102 -6.37 14.03 -8.03
C GLY C 102 -7.19 14.16 -9.29
N THR C 103 -8.31 13.43 -9.35
CA THR C 103 -9.25 13.51 -10.46
C THR C 103 -10.57 14.00 -9.90
N LYS C 104 -10.96 15.22 -10.31
CA LYS C 104 -12.23 15.80 -9.88
C LYS C 104 -13.35 15.29 -10.78
N LEU C 105 -14.27 14.52 -10.21
CA LEU C 105 -15.39 13.96 -10.95
C LEU C 105 -16.65 14.74 -10.63
N GLU C 106 -17.31 15.24 -11.67
CA GLU C 106 -18.51 16.05 -11.52
C GLU C 106 -19.63 15.44 -12.36
N ILE C 107 -20.87 15.70 -11.95
CA ILE C 107 -22.04 15.11 -12.61
C ILE C 107 -22.53 16.04 -13.70
N LYS C 108 -22.69 15.49 -14.90
CA LYS C 108 -23.26 16.24 -16.01
C LYS C 108 -24.78 16.24 -15.91
N ARG C 109 -25.39 17.30 -16.43
CA ARG C 109 -26.84 17.45 -16.40
C ARG C 109 -27.25 18.44 -17.48
N ALA C 110 -28.56 18.45 -17.77
CA ALA C 110 -29.10 19.41 -18.71
C ALA C 110 -28.90 20.83 -18.20
N ASP C 111 -28.61 21.75 -19.12
CA ASP C 111 -28.36 23.13 -18.74
C ASP C 111 -29.59 23.75 -18.09
N ALA C 112 -29.36 24.67 -17.16
CA ALA C 112 -30.44 25.37 -16.47
C ALA C 112 -30.11 26.86 -16.43
N ALA C 113 -31.15 27.70 -16.59
CA ALA C 113 -30.98 29.15 -16.55
C ALA C 113 -30.76 29.61 -15.11
N PRO C 114 -29.78 30.50 -14.91
CA PRO C 114 -29.52 31.00 -13.55
C PRO C 114 -30.61 31.97 -13.08
N THR C 115 -30.73 32.05 -11.76
CA THR C 115 -31.60 33.03 -11.12
C THR C 115 -30.73 34.13 -10.55
N VAL C 116 -30.89 35.34 -11.08
CA VAL C 116 -30.05 36.48 -10.72
C VAL C 116 -30.80 37.36 -9.75
N SER C 117 -30.12 37.79 -8.69
CA SER C 117 -30.73 38.60 -7.65
C SER C 117 -29.74 39.64 -7.17
N ILE C 118 -30.20 40.89 -7.06
CA ILE C 118 -29.35 42.00 -6.64
C ILE C 118 -29.76 42.43 -5.24
N PHE C 119 -28.81 43.00 -4.51
CA PHE C 119 -29.05 43.41 -3.13
C PHE C 119 -28.31 44.72 -2.84
N PRO C 120 -29.03 45.78 -2.49
CA PRO C 120 -28.37 47.03 -2.10
C PRO C 120 -27.71 46.88 -0.74
N PRO C 121 -26.75 47.75 -0.41
CA PRO C 121 -26.09 47.65 0.89
C PRO C 121 -27.08 47.76 2.04
N SER C 122 -26.85 46.96 3.09
CA SER C 122 -27.75 46.91 4.22
C SER C 122 -27.60 48.17 5.08
N SER C 123 -28.60 48.40 5.93
CA SER C 123 -28.59 49.58 6.78
C SER C 123 -27.44 49.55 7.77
N GLU C 124 -27.18 48.38 8.38
CA GLU C 124 -26.09 48.28 9.35
C GLU C 124 -24.74 48.57 8.70
N GLN C 125 -24.51 48.01 7.52
CA GLN C 125 -23.24 48.26 6.82
C GLN C 125 -23.14 49.70 6.34
N LEU C 126 -24.26 50.30 5.96
CA LEU C 126 -24.26 51.73 5.61
C LEU C 126 -23.88 52.57 6.83
N THR C 127 -24.36 52.18 8.01
CA THR C 127 -23.98 52.89 9.24
C THR C 127 -22.48 52.76 9.51
N SER C 128 -21.91 51.58 9.29
CA SER C 128 -20.49 51.35 9.56
C SER C 128 -19.59 52.15 8.61
N GLY C 129 -20.12 52.62 7.49
CA GLY C 129 -19.34 53.38 6.53
C GLY C 129 -19.00 52.63 5.25
N GLY C 130 -19.32 51.34 5.18
CA GLY C 130 -19.09 50.56 3.98
C GLY C 130 -20.36 50.39 3.15
N ALA C 131 -20.18 49.83 1.96
CA ALA C 131 -21.30 49.61 1.05
C ALA C 131 -20.91 48.52 0.06
N SER C 132 -21.58 47.38 0.14
CA SER C 132 -21.34 46.25 -0.74
C SER C 132 -22.62 45.92 -1.50
N VAL C 133 -22.49 45.74 -2.82
CA VAL C 133 -23.61 45.36 -3.68
C VAL C 133 -23.41 43.90 -4.05
N VAL C 134 -24.29 43.04 -3.56
CA VAL C 134 -24.16 41.59 -3.69
C VAL C 134 -25.11 41.10 -4.77
N CYS C 135 -24.60 40.22 -5.63
CA CYS C 135 -25.37 39.60 -6.70
C CYS C 135 -25.31 38.09 -6.54
N PHE C 136 -26.48 37.45 -6.56
CA PHE C 136 -26.58 36.00 -6.39
C PHE C 136 -27.03 35.37 -7.70
N LEU C 137 -26.23 34.43 -8.21
CA LEU C 137 -26.59 33.63 -9.38
C LEU C 137 -26.71 32.19 -8.92
N ASN C 138 -27.95 31.68 -8.85
CA ASN C 138 -28.22 30.39 -8.23
C ASN C 138 -28.77 29.41 -9.25
N ASN C 139 -28.43 28.14 -9.05
CA ASN C 139 -29.05 27.01 -9.76
C ASN C 139 -28.83 27.13 -11.28
N PHE C 140 -27.56 27.04 -11.66
CA PHE C 140 -27.19 27.09 -13.08
C PHE C 140 -26.16 26.03 -13.39
N TYR C 141 -26.22 25.50 -14.62
CA TYR C 141 -25.27 24.55 -15.16
C TYR C 141 -24.98 24.96 -16.60
N PRO C 142 -23.71 24.87 -17.05
CA PRO C 142 -22.51 24.42 -16.33
C PRO C 142 -21.89 25.50 -15.43
N LYS C 143 -20.66 25.24 -14.97
CA LYS C 143 -20.00 26.11 -14.00
C LYS C 143 -19.59 27.45 -14.61
N ASP C 144 -19.39 27.52 -15.92
CA ASP C 144 -18.90 28.75 -16.53
C ASP C 144 -19.97 29.82 -16.56
N ILE C 145 -19.56 31.06 -16.28
CA ILE C 145 -20.48 32.19 -16.20
C ILE C 145 -19.67 33.46 -16.40
N ASN C 146 -20.33 34.50 -16.92
CA ASN C 146 -19.72 35.81 -17.11
C ASN C 146 -20.53 36.85 -16.33
N VAL C 147 -19.84 37.68 -15.56
CA VAL C 147 -20.48 38.71 -14.74
C VAL C 147 -19.80 40.04 -15.01
N LYS C 148 -20.58 41.07 -15.30
CA LYS C 148 -20.09 42.44 -15.42
C LYS C 148 -20.90 43.32 -14.48
N TRP C 149 -20.20 44.11 -13.67
CA TRP C 149 -20.82 45.05 -12.75
C TRP C 149 -20.88 46.43 -13.40
N LYS C 150 -22.08 47.01 -13.47
CA LYS C 150 -22.29 48.32 -14.04
C LYS C 150 -22.73 49.29 -12.95
N ILE C 151 -22.05 50.44 -12.89
CA ILE C 151 -22.42 51.52 -11.99
C ILE C 151 -22.72 52.74 -12.86
N ASP C 152 -23.97 53.20 -12.82
CA ASP C 152 -24.45 54.30 -13.66
C ASP C 152 -24.21 54.02 -15.13
N GLY C 153 -24.30 52.76 -15.54
CA GLY C 153 -24.06 52.39 -16.93
C GLY C 153 -22.61 52.26 -17.32
N SER C 154 -21.69 52.15 -16.35
CA SER C 154 -20.28 51.98 -16.62
C SER C 154 -19.74 50.80 -15.82
N GLU C 155 -18.86 50.02 -16.44
CA GLU C 155 -18.32 48.83 -15.80
C GLU C 155 -17.41 49.20 -14.63
N ARG C 156 -17.33 48.28 -13.67
CA ARG C 156 -16.50 48.44 -12.48
C ARG C 156 -15.69 47.17 -12.26
N GLN C 157 -14.45 47.34 -11.82
CA GLN C 157 -13.57 46.21 -11.56
C GLN C 157 -13.09 46.15 -10.12
N ASN C 158 -12.73 47.28 -9.53
CA ASN C 158 -12.22 47.30 -8.16
C ASN C 158 -13.32 46.86 -7.19
N GLY C 159 -12.96 45.96 -6.27
CA GLY C 159 -13.89 45.49 -5.26
C GLY C 159 -14.84 44.41 -5.70
N VAL C 160 -14.72 43.92 -6.93
CA VAL C 160 -15.60 42.87 -7.44
C VAL C 160 -14.99 41.52 -7.05
N LEU C 161 -15.64 40.83 -6.12
CA LEU C 161 -15.23 39.50 -5.68
C LEU C 161 -16.24 38.48 -6.16
N ASN C 162 -15.77 37.52 -6.95
CA ASN C 162 -16.60 36.46 -7.49
C ASN C 162 -16.25 35.15 -6.80
N SER C 163 -17.26 34.47 -6.25
CA SER C 163 -17.06 33.24 -5.50
C SER C 163 -17.99 32.17 -6.05
N TRP C 164 -17.43 31.00 -6.37
CA TRP C 164 -18.19 29.90 -6.95
C TRP C 164 -18.45 28.82 -5.90
N THR C 165 -19.67 28.29 -5.91
CA THR C 165 -20.02 27.17 -5.07
C THR C 165 -19.61 25.86 -5.74
N ASP C 166 -19.32 24.85 -4.92
CA ASP C 166 -19.20 23.51 -5.46
C ASP C 166 -20.56 23.02 -5.96
N GLN C 167 -20.54 21.94 -6.73
CA GLN C 167 -21.77 21.41 -7.29
C GLN C 167 -22.74 21.02 -6.19
N ASP C 168 -24.01 21.34 -6.39
CA ASP C 168 -25.02 21.06 -5.39
C ASP C 168 -25.25 19.57 -5.24
N SER C 169 -25.52 19.13 -4.00
CA SER C 169 -25.73 17.72 -3.72
C SER C 169 -27.03 17.19 -4.30
N LYS C 170 -28.01 18.06 -4.54
CA LYS C 170 -29.35 17.64 -4.92
C LYS C 170 -29.61 17.72 -6.41
N ASP C 171 -29.40 18.88 -7.04
CA ASP C 171 -29.69 19.06 -8.45
C ASP C 171 -28.44 19.20 -9.32
N SER C 172 -27.24 19.02 -8.74
CA SER C 172 -25.98 19.06 -9.48
C SER C 172 -25.80 20.36 -10.27
N THR C 173 -26.18 21.48 -9.65
CA THR C 173 -25.99 22.80 -10.21
C THR C 173 -24.97 23.57 -9.37
N TYR C 174 -24.63 24.77 -9.84
CA TYR C 174 -23.67 25.62 -9.16
C TYR C 174 -24.34 26.91 -8.71
N SER C 175 -23.62 27.68 -7.89
CA SER C 175 -24.08 28.98 -7.44
C SER C 175 -22.90 29.93 -7.36
N MET C 176 -23.18 31.22 -7.46
CA MET C 176 -22.14 32.23 -7.49
C MET C 176 -22.61 33.49 -6.78
N SER C 177 -21.72 34.12 -6.03
CA SER C 177 -21.97 35.39 -5.36
C SER C 177 -20.98 36.42 -5.90
N SER C 178 -21.51 37.47 -6.54
CA SER C 178 -20.69 38.56 -7.05
C SER C 178 -20.85 39.75 -6.11
N THR C 179 -19.80 40.08 -5.38
CA THR C 179 -19.83 41.12 -4.35
C THR C 179 -19.01 42.31 -4.82
N LEU C 180 -19.63 43.49 -4.84
CA LEU C 180 -18.98 44.74 -5.18
C LEU C 180 -18.99 45.62 -3.94
N THR C 181 -17.88 45.61 -3.20
CA THR C 181 -17.75 46.37 -1.96
C THR C 181 -17.02 47.68 -2.26
N LEU C 182 -17.66 48.80 -1.95
CA LEU C 182 -17.09 50.12 -2.17
C LEU C 182 -17.32 50.98 -0.94
N THR C 183 -16.66 52.13 -0.92
CA THR C 183 -16.79 53.04 0.22
C THR C 183 -18.14 53.76 0.18
N LYS C 184 -18.48 54.37 1.32
CA LYS C 184 -19.73 55.12 1.42
C LYS C 184 -19.74 56.29 0.45
N ASP C 185 -18.60 56.96 0.28
CA ASP C 185 -18.51 58.07 -0.65
C ASP C 185 -18.82 57.63 -2.07
N GLU C 186 -18.27 56.49 -2.49
CA GLU C 186 -18.53 55.99 -3.83
C GLU C 186 -19.96 55.50 -3.97
N TYR C 187 -20.54 54.95 -2.91
CA TYR C 187 -21.93 54.48 -2.98
C TYR C 187 -22.89 55.65 -3.14
N GLU C 188 -22.75 56.69 -2.30
CA GLU C 188 -23.69 57.80 -2.32
C GLU C 188 -23.51 58.70 -3.53
N ARG C 189 -22.33 58.66 -4.18
CA ARG C 189 -22.07 59.50 -5.34
C ARG C 189 -22.75 58.99 -6.60
N HIS C 190 -23.29 57.78 -6.59
CA HIS C 190 -23.84 57.16 -7.77
C HIS C 190 -25.29 56.74 -7.53
N ASN C 191 -26.02 56.56 -8.63
CA ASN C 191 -27.47 56.40 -8.59
C ASN C 191 -27.91 54.95 -8.82
N SER C 192 -27.50 54.35 -9.93
CA SER C 192 -28.02 53.04 -10.34
C SER C 192 -26.90 52.01 -10.39
N TYR C 193 -27.22 50.79 -9.99
CA TYR C 193 -26.29 49.67 -10.00
C TYR C 193 -26.90 48.51 -10.77
N THR C 194 -26.17 47.99 -11.75
CA THR C 194 -26.68 46.95 -12.63
C THR C 194 -25.79 45.71 -12.52
N CYS C 195 -26.42 44.56 -12.36
CA CYS C 195 -25.73 43.27 -12.36
C CYS C 195 -26.15 42.50 -13.61
N GLU C 196 -25.17 42.18 -14.45
CA GLU C 196 -25.43 41.47 -15.70
C GLU C 196 -24.70 40.14 -15.68
N ALA C 197 -25.42 39.07 -16.04
CA ALA C 197 -24.85 37.73 -16.11
C ALA C 197 -25.09 37.17 -17.50
N THR C 198 -24.00 36.81 -18.18
CA THR C 198 -24.06 36.21 -19.51
C THR C 198 -23.79 34.72 -19.38
N HIS C 199 -24.70 33.91 -19.91
CA HIS C 199 -24.64 32.47 -19.75
C HIS C 199 -24.89 31.77 -21.08
N LYS C 200 -24.44 30.52 -21.16
CA LYS C 200 -24.66 29.71 -22.36
C LYS C 200 -26.15 29.39 -22.55
N THR C 201 -26.92 29.37 -21.46
CA THR C 201 -28.32 28.97 -21.56
C THR C 201 -29.14 29.92 -22.44
N SER C 202 -28.93 31.23 -22.29
CA SER C 202 -29.66 32.22 -23.05
C SER C 202 -28.70 33.11 -23.82
N THR C 203 -29.07 33.42 -25.07
CA THR C 203 -28.26 34.34 -25.87
C THR C 203 -28.25 35.73 -25.26
N SER C 204 -29.40 36.19 -24.78
CA SER C 204 -29.50 37.50 -24.15
C SER C 204 -29.07 37.41 -22.69
N PRO C 205 -28.09 38.21 -22.26
CA PRO C 205 -27.68 38.18 -20.84
C PRO C 205 -28.81 38.62 -19.92
N ILE C 206 -28.82 38.05 -18.72
CA ILE C 206 -29.84 38.37 -17.73
C ILE C 206 -29.42 39.62 -16.97
N VAL C 207 -30.28 40.64 -16.95
CA VAL C 207 -29.97 41.93 -16.36
C VAL C 207 -30.87 42.15 -15.15
N LYS C 208 -30.25 42.50 -14.02
CA LYS C 208 -30.98 42.89 -12.82
C LYS C 208 -30.31 44.12 -12.23
N SER C 209 -31.11 45.14 -11.91
CA SER C 209 -30.56 46.43 -11.51
C SER C 209 -31.51 47.10 -10.53
N PHE C 210 -30.97 48.10 -9.82
CA PHE C 210 -31.76 48.91 -8.90
C PHE C 210 -31.21 50.33 -8.89
N ASN C 211 -32.06 51.27 -8.51
CA ASN C 211 -31.71 52.68 -8.45
C ASN C 211 -31.99 53.20 -7.04
N ARG C 212 -31.13 54.09 -6.55
CA ARG C 212 -31.28 54.60 -5.20
C ARG C 212 -32.55 55.42 -5.03
N ASN C 213 -32.87 56.28 -6.00
CA ASN C 213 -34.00 57.19 -5.90
C ASN C 213 -35.27 56.63 -6.53
N GLU C 214 -35.25 55.39 -7.04
CA GLU C 214 -36.42 54.76 -7.61
C GLU C 214 -36.91 53.67 -6.68
N CYS C 215 -38.19 53.75 -6.31
CA CYS C 215 -38.81 52.74 -5.46
C CYS C 215 -40.33 52.82 -5.58
C1 OXL D . 13.92 -27.47 0.45
C2 OXL D . 13.92 -25.96 0.21
O1 OXL D . 14.96 -28.05 0.86
O2 OXL D . 14.71 -25.44 -0.63
O3 OXL D . 12.87 -28.13 0.25
O4 OXL D . 13.13 -25.23 0.85
#